data_1QDP
#
_entry.id   1QDP
#
_cell.length_a   1.000
_cell.length_b   1.000
_cell.length_c   1.000
_cell.angle_alpha   90.00
_cell.angle_beta   90.00
_cell.angle_gamma   90.00
#
_symmetry.space_group_name_H-M   'P 1'
#
_entity_poly.entity_id   1
_entity_poly.type   'polypeptide(L)'
_entity_poly.pdbx_seq_one_letter_code
;CAKKRNWCGKNEDCCCPMKCIYAWYNQQGSCQTTITGLFKKC
;
_entity_poly.pdbx_strand_id   A
#
# COMPACT_ATOMS: atom_id res chain seq x y z
N CYS A 1 -3.51 -9.40 0.00
CA CYS A 1 -2.18 -9.71 0.58
C CYS A 1 -1.11 -9.68 -0.51
N ALA A 2 -0.49 -8.54 -0.65
CA ALA A 2 0.59 -8.35 -1.66
C ALA A 2 1.80 -7.85 -0.86
N LYS A 3 2.92 -7.77 -1.52
CA LYS A 3 4.16 -7.29 -0.84
C LYS A 3 4.69 -6.06 -1.57
N LYS A 4 5.34 -5.24 -0.79
CA LYS A 4 5.94 -3.98 -1.29
C LYS A 4 6.86 -4.35 -2.47
N ARG A 5 6.58 -3.78 -3.63
CA ARG A 5 7.32 -3.99 -4.94
C ARG A 5 6.23 -4.13 -6.02
N ASN A 6 5.24 -4.93 -5.76
CA ASN A 6 4.13 -5.10 -6.76
C ASN A 6 3.14 -4.20 -6.08
N TRP A 7 2.56 -3.32 -6.84
CA TRP A 7 1.61 -2.43 -6.17
C TRP A 7 0.20 -2.99 -6.12
N CYS A 8 -0.59 -2.21 -5.46
CA CYS A 8 -2.02 -2.52 -5.24
C CYS A 8 -2.92 -1.53 -6.00
N GLY A 9 -2.39 -0.39 -6.31
CA GLY A 9 -3.19 0.63 -7.05
C GLY A 9 -3.84 1.45 -5.92
N LYS A 10 -4.56 0.72 -5.14
CA LYS A 10 -5.29 1.26 -3.96
C LYS A 10 -5.07 0.31 -2.82
N ASN A 11 -5.33 0.78 -1.64
CA ASN A 11 -5.14 -0.06 -0.42
C ASN A 11 -6.25 -1.13 -0.27
N GLU A 12 -6.51 -1.85 -1.33
CA GLU A 12 -7.55 -2.92 -1.23
C GLU A 12 -6.92 -4.29 -1.09
N ASP A 13 -5.93 -4.63 -1.89
CA ASP A 13 -5.31 -5.99 -1.75
C ASP A 13 -3.82 -6.05 -1.30
N CYS A 14 -3.57 -5.71 -0.06
CA CYS A 14 -2.17 -5.75 0.46
C CYS A 14 -2.11 -6.69 1.65
N CYS A 15 -0.92 -7.07 2.00
CA CYS A 15 -0.73 -7.99 3.16
C CYS A 15 -0.23 -7.03 4.24
N CYS A 16 -1.21 -6.50 4.92
CA CYS A 16 -0.98 -5.52 6.02
C CYS A 16 0.23 -5.75 6.96
N PRO A 17 0.68 -4.68 7.56
CA PRO A 17 0.15 -3.30 7.50
C PRO A 17 0.85 -2.43 6.45
N MET A 18 0.22 -2.37 5.32
CA MET A 18 0.69 -1.58 4.16
C MET A 18 -0.52 -0.90 3.60
N LYS A 19 -0.26 0.23 3.02
CA LYS A 19 -1.38 1.02 2.41
C LYS A 19 -0.90 1.24 0.95
N CYS A 20 -1.75 1.50 -0.01
CA CYS A 20 -1.15 1.68 -1.35
C CYS A 20 -0.67 3.15 -1.35
N ILE A 21 0.42 3.36 -2.02
CA ILE A 21 1.06 4.70 -2.14
C ILE A 21 1.04 5.33 -3.46
N TYR A 22 1.32 6.60 -3.40
CA TYR A 22 1.34 7.46 -4.59
C TYR A 22 2.58 8.32 -4.77
N ALA A 23 2.68 8.82 -5.97
CA ALA A 23 3.80 9.69 -6.39
C ALA A 23 3.16 10.95 -7.00
N TRP A 24 3.09 11.05 -8.31
CA TRP A 24 2.45 12.27 -8.94
C TRP A 24 1.42 11.90 -10.03
N TYR A 25 1.84 11.11 -10.99
CA TYR A 25 0.95 10.66 -12.11
C TYR A 25 -0.45 10.16 -11.69
N ASN A 26 -0.50 9.50 -10.56
CA ASN A 26 -1.80 8.94 -10.01
C ASN A 26 -2.34 7.83 -10.94
N GLN A 27 -3.50 7.31 -10.60
CA GLN A 27 -4.23 6.21 -11.35
C GLN A 27 -3.93 4.90 -10.63
N GLN A 28 -2.67 4.76 -10.34
CA GLN A 28 -2.16 3.55 -9.64
C GLN A 28 -1.45 3.99 -8.35
N GLY A 29 -0.96 3.02 -7.62
CA GLY A 29 -0.25 3.31 -6.35
C GLY A 29 0.81 2.25 -6.04
N SER A 30 1.24 2.13 -4.80
CA SER A 30 2.28 1.09 -4.41
C SER A 30 2.06 0.48 -3.03
N CYS A 31 2.26 -0.79 -2.82
CA CYS A 31 2.00 -1.29 -1.43
C CYS A 31 3.21 -0.79 -0.61
N GLN A 32 2.98 0.08 0.34
CA GLN A 32 4.08 0.62 1.18
C GLN A 32 3.68 0.57 2.62
N THR A 33 4.64 0.31 3.45
CA THR A 33 4.33 0.24 4.88
C THR A 33 4.24 1.61 5.50
N THR A 34 3.32 2.40 5.02
CA THR A 34 3.25 3.74 5.66
C THR A 34 1.87 4.30 5.75
N ILE A 35 1.83 5.47 6.32
CA ILE A 35 0.65 6.34 6.60
C ILE A 35 -0.03 5.66 7.80
N THR A 36 -0.32 4.42 7.57
CA THR A 36 -0.98 3.52 8.57
C THR A 36 -0.30 2.15 8.48
N GLY A 37 0.70 2.02 7.66
CA GLY A 37 1.36 0.68 7.57
C GLY A 37 2.35 0.44 8.69
N LEU A 38 1.86 0.64 9.87
CA LEU A 38 2.71 0.46 11.06
C LEU A 38 1.78 0.23 12.24
N PHE A 39 0.92 1.19 12.49
CA PHE A 39 -0.02 1.05 13.65
C PHE A 39 -1.40 0.53 13.22
N LYS A 40 -1.44 -0.12 12.09
CA LYS A 40 -2.73 -0.68 11.57
C LYS A 40 -2.53 -2.16 11.83
N LYS A 41 -2.43 -2.44 13.10
CA LYS A 41 -2.24 -3.83 13.60
C LYS A 41 -3.14 -4.76 12.82
N CYS A 42 -2.60 -5.79 12.24
CA CYS A 42 -3.44 -6.74 11.46
C CYS A 42 -3.06 -8.09 12.08
N CYS A 1 -2.90 -10.08 -0.15
CA CYS A 1 -1.53 -9.94 0.42
C CYS A 1 -0.53 -9.65 -0.71
N ALA A 2 -0.10 -8.42 -0.77
CA ALA A 2 0.87 -7.96 -1.80
C ALA A 2 2.16 -7.76 -0.98
N LYS A 3 3.31 -7.94 -1.58
CA LYS A 3 4.60 -7.77 -0.81
C LYS A 3 5.49 -6.67 -1.42
N LYS A 4 4.80 -5.58 -1.69
CA LYS A 4 5.44 -4.37 -2.29
C LYS A 4 5.94 -4.77 -3.71
N ARG A 5 6.55 -3.86 -4.43
CA ARG A 5 7.10 -4.06 -5.83
C ARG A 5 5.91 -4.11 -6.76
N ASN A 6 5.04 -5.04 -6.53
CA ASN A 6 3.81 -5.19 -7.35
C ASN A 6 2.88 -4.48 -6.38
N TRP A 7 1.79 -3.96 -6.86
CA TRP A 7 0.92 -3.26 -5.90
C TRP A 7 -0.45 -3.81 -5.62
N CYS A 8 -0.99 -3.03 -4.73
CA CYS A 8 -2.36 -3.23 -4.19
C CYS A 8 -3.27 -2.59 -5.24
N GLY A 9 -2.85 -1.41 -5.58
CA GLY A 9 -3.54 -0.55 -6.58
C GLY A 9 -4.11 0.60 -5.77
N LYS A 10 -4.71 0.14 -4.72
CA LYS A 10 -5.38 0.94 -3.67
C LYS A 10 -5.43 -0.05 -2.52
N ASN A 11 -5.62 0.50 -1.35
CA ASN A 11 -5.71 -0.30 -0.10
C ASN A 11 -6.18 -1.77 -0.26
N GLU A 12 -7.04 -2.02 -1.20
CA GLU A 12 -7.58 -3.39 -1.47
C GLU A 12 -6.72 -4.62 -1.12
N ASP A 13 -5.55 -4.76 -1.71
CA ASP A 13 -4.72 -5.96 -1.37
C ASP A 13 -3.24 -5.77 -1.01
N CYS A 14 -2.97 -6.00 0.25
CA CYS A 14 -1.61 -5.87 0.79
C CYS A 14 -1.42 -6.89 1.88
N CYS A 15 -0.18 -7.23 2.08
CA CYS A 15 0.20 -8.23 3.11
C CYS A 15 0.64 -7.26 4.20
N CYS A 16 -0.36 -6.80 4.90
CA CYS A 16 -0.16 -5.83 6.00
C CYS A 16 1.06 -5.99 6.92
N PRO A 17 1.44 -4.86 7.50
CA PRO A 17 0.80 -3.52 7.42
C PRO A 17 1.25 -2.64 6.23
N MET A 18 0.49 -2.70 5.19
CA MET A 18 0.82 -1.91 3.98
C MET A 18 -0.41 -1.12 3.61
N LYS A 19 -0.17 0.05 3.12
CA LYS A 19 -1.34 0.89 2.71
C LYS A 19 -0.97 1.08 1.24
N CYS A 20 -1.91 1.44 0.40
CA CYS A 20 -1.45 1.60 -0.99
C CYS A 20 -0.94 3.05 -1.06
N ILE A 21 0.26 3.24 -1.52
CA ILE A 21 0.84 4.61 -1.61
C ILE A 21 0.64 5.07 -3.05
N TYR A 22 0.92 6.32 -3.26
CA TYR A 22 0.75 6.92 -4.60
C TYR A 22 1.99 7.69 -5.06
N ALA A 23 2.31 8.73 -4.33
CA ALA A 23 3.47 9.67 -4.56
C ALA A 23 2.73 10.93 -5.02
N TRP A 24 3.21 11.55 -6.05
CA TRP A 24 2.55 12.78 -6.58
C TRP A 24 1.73 12.35 -7.81
N TYR A 25 2.21 11.31 -8.45
CA TYR A 25 1.57 10.72 -9.66
C TYR A 25 0.05 10.58 -9.54
N ASN A 26 -0.59 10.41 -10.67
CA ASN A 26 -2.08 10.25 -10.69
C ASN A 26 -2.48 8.94 -11.38
N GLN A 27 -1.82 7.86 -11.05
CA GLN A 27 -2.21 6.57 -11.71
C GLN A 27 -1.88 5.40 -10.77
N GLN A 28 -2.81 4.50 -10.62
CA GLN A 28 -2.62 3.30 -9.73
C GLN A 28 -2.07 3.64 -8.34
N GLY A 29 -1.65 2.66 -7.59
CA GLY A 29 -1.08 2.92 -6.22
C GLY A 29 -0.10 1.79 -5.93
N SER A 30 0.78 1.92 -4.98
CA SER A 30 1.75 0.82 -4.69
C SER A 30 1.49 0.28 -3.31
N CYS A 31 2.05 -0.84 -2.94
CA CYS A 31 1.78 -1.39 -1.57
C CYS A 31 3.00 -1.02 -0.73
N GLN A 32 2.91 -0.08 0.18
CA GLN A 32 4.15 0.24 0.97
C GLN A 32 3.83 0.38 2.44
N THR A 33 4.83 0.15 3.26
CA THR A 33 4.59 0.27 4.71
C THR A 33 4.59 1.66 5.24
N THR A 34 3.74 2.46 4.68
CA THR A 34 3.73 3.83 5.22
C THR A 34 2.42 4.50 5.04
N ILE A 35 2.37 5.67 5.60
CA ILE A 35 1.20 6.60 5.62
C ILE A 35 0.24 5.97 6.65
N THR A 36 -0.04 4.70 6.45
CA THR A 36 -0.94 3.91 7.34
C THR A 36 -0.37 2.48 7.30
N GLY A 37 0.93 2.40 7.29
CA GLY A 37 1.61 1.06 7.25
C GLY A 37 2.42 0.83 8.50
N LEU A 38 1.93 1.42 9.55
CA LEU A 38 2.62 1.29 10.86
C LEU A 38 1.50 1.16 11.89
N PHE A 39 0.71 2.20 12.00
CA PHE A 39 -0.41 2.18 13.00
C PHE A 39 -1.62 1.69 12.18
N LYS A 40 -1.39 0.55 11.58
CA LYS A 40 -2.42 -0.10 10.72
C LYS A 40 -3.38 -1.05 11.44
N LYS A 41 -2.89 -1.76 12.42
CA LYS A 41 -3.79 -2.72 13.17
C LYS A 41 -4.48 -3.69 12.18
N CYS A 42 -3.73 -4.67 11.74
CA CYS A 42 -4.20 -5.71 10.79
C CYS A 42 -3.88 -7.00 11.56
N CYS A 1 -2.69 -9.09 -0.70
CA CYS A 1 -1.41 -9.23 0.02
C CYS A 1 -0.23 -8.94 -0.93
N ALA A 2 -0.05 -7.70 -1.29
CA ALA A 2 1.10 -7.38 -2.21
C ALA A 2 2.34 -7.37 -1.30
N LYS A 3 3.49 -7.50 -1.88
CA LYS A 3 4.76 -7.53 -1.07
C LYS A 3 5.73 -6.47 -1.63
N LYS A 4 5.15 -5.30 -1.84
CA LYS A 4 5.88 -4.10 -2.38
C LYS A 4 6.26 -4.49 -3.85
N ARG A 5 6.91 -3.61 -4.60
CA ARG A 5 7.35 -3.89 -6.03
C ARG A 5 6.18 -3.96 -7.04
N ASN A 6 5.23 -4.78 -6.72
CA ASN A 6 4.01 -5.02 -7.53
C ASN A 6 3.04 -4.47 -6.49
N TRP A 7 2.07 -3.77 -6.97
CA TRP A 7 1.09 -3.19 -6.03
C TRP A 7 -0.29 -3.79 -6.00
N CYS A 8 -1.04 -3.17 -5.15
CA CYS A 8 -2.46 -3.52 -4.91
C CYS A 8 -3.36 -2.34 -5.33
N GLY A 9 -2.74 -1.36 -5.94
CA GLY A 9 -3.47 -0.14 -6.42
C GLY A 9 -3.99 0.75 -5.28
N LYS A 10 -4.84 0.20 -4.47
CA LYS A 10 -5.40 0.96 -3.34
C LYS A 10 -5.30 -0.07 -2.23
N ASN A 11 -5.24 0.44 -1.05
CA ASN A 11 -5.14 -0.39 0.19
C ASN A 11 -5.72 -1.83 0.08
N GLU A 12 -6.79 -1.88 -0.66
CA GLU A 12 -7.61 -3.10 -0.94
C GLU A 12 -6.96 -4.42 -0.50
N ASP A 13 -5.98 -4.88 -1.23
CA ASP A 13 -5.30 -6.14 -0.84
C ASP A 13 -3.77 -6.06 -0.63
N CYS A 14 -3.33 -5.20 0.24
CA CYS A 14 -1.84 -5.10 0.47
C CYS A 14 -1.53 -6.07 1.57
N CYS A 15 -0.33 -6.58 1.61
CA CYS A 15 -0.02 -7.56 2.68
C CYS A 15 0.50 -6.76 3.85
N CYS A 16 -0.48 -6.31 4.59
CA CYS A 16 -0.25 -5.48 5.80
C CYS A 16 0.95 -5.83 6.69
N PRO A 17 1.39 -4.81 7.41
CA PRO A 17 0.77 -3.46 7.58
C PRO A 17 1.37 -2.38 6.71
N MET A 18 0.74 -2.25 5.59
CA MET A 18 1.12 -1.27 4.55
C MET A 18 -0.10 -0.65 3.92
N LYS A 19 0.19 0.38 3.21
CA LYS A 19 -0.89 1.13 2.48
C LYS A 19 -0.49 0.95 1.02
N CYS A 20 -1.41 0.90 0.11
CA CYS A 20 -1.01 0.72 -1.31
C CYS A 20 -0.71 2.11 -1.90
N ILE A 21 0.36 2.70 -1.42
CA ILE A 21 0.96 4.06 -1.75
C ILE A 21 0.73 4.75 -3.05
N TYR A 22 1.09 6.00 -3.13
CA TYR A 22 0.88 6.78 -4.38
C TYR A 22 2.13 7.53 -4.86
N ALA A 23 1.99 8.19 -5.98
CA ALA A 23 3.12 8.97 -6.57
C ALA A 23 2.66 10.42 -6.75
N TRP A 24 3.48 11.22 -7.37
CA TRP A 24 3.10 12.65 -7.59
C TRP A 24 1.85 12.62 -8.51
N TYR A 25 1.97 11.82 -9.53
CA TYR A 25 0.86 11.67 -10.53
C TYR A 25 -0.09 10.62 -9.93
N ASN A 26 -1.16 10.29 -10.60
CA ASN A 26 -2.12 9.26 -10.07
C ASN A 26 -2.51 8.20 -11.11
N GLN A 27 -3.36 7.30 -10.64
CA GLN A 27 -3.97 6.12 -11.34
C GLN A 27 -3.92 4.90 -10.40
N GLN A 28 -2.75 4.45 -10.01
CA GLN A 28 -2.64 3.27 -9.09
C GLN A 28 -1.85 3.63 -7.84
N GLY A 29 -1.46 2.61 -7.11
CA GLY A 29 -0.70 2.84 -5.85
C GLY A 29 0.29 1.72 -5.50
N SER A 30 0.96 1.70 -4.36
CA SER A 30 1.91 0.58 -4.05
C SER A 30 1.95 0.14 -2.59
N CYS A 31 1.95 -1.14 -2.37
CA CYS A 31 1.99 -1.71 -0.99
C CYS A 31 3.24 -1.23 -0.23
N GLN A 32 3.16 -0.23 0.61
CA GLN A 32 4.38 0.23 1.34
C GLN A 32 4.08 0.34 2.79
N THR A 33 5.09 0.10 3.57
CA THR A 33 4.88 0.18 5.02
C THR A 33 4.93 1.56 5.63
N THR A 34 4.07 2.38 5.14
CA THR A 34 4.08 3.73 5.74
C THR A 34 2.76 4.40 5.52
N ILE A 35 2.67 5.54 6.17
CA ILE A 35 1.50 6.46 6.20
C ILE A 35 0.53 5.81 7.19
N THR A 36 0.29 4.55 6.96
CA THR A 36 -0.61 3.73 7.80
C THR A 36 -0.02 2.33 7.67
N GLY A 37 1.29 2.28 7.72
CA GLY A 37 1.98 0.97 7.60
C GLY A 37 2.67 0.59 8.89
N LEU A 38 2.01 0.94 9.95
CA LEU A 38 2.54 0.65 11.31
C LEU A 38 1.40 0.52 12.32
N PHE A 39 0.59 1.54 12.36
CA PHE A 39 -0.59 1.61 13.28
C PHE A 39 -1.84 1.45 12.41
N LYS A 40 -1.88 0.33 11.75
CA LYS A 40 -3.02 0.01 10.84
C LYS A 40 -4.09 -0.94 11.38
N LYS A 41 -3.69 -1.97 12.09
CA LYS A 41 -4.70 -2.95 12.65
C LYS A 41 -5.41 -3.64 11.47
N CYS A 42 -4.68 -4.53 10.87
CA CYS A 42 -5.18 -5.31 9.70
C CYS A 42 -5.31 -6.74 10.29
N CYS A 1 -2.73 -9.61 -0.01
CA CYS A 1 -1.32 -9.80 0.39
C CYS A 1 -0.34 -9.51 -0.76
N ALA A 2 0.28 -8.36 -0.69
CA ALA A 2 1.28 -7.93 -1.72
C ALA A 2 2.57 -7.73 -0.90
N LYS A 3 3.72 -7.84 -1.53
CA LYS A 3 4.99 -7.66 -0.74
C LYS A 3 5.80 -6.52 -1.37
N LYS A 4 5.12 -5.41 -1.54
CA LYS A 4 5.73 -4.17 -2.15
C LYS A 4 6.09 -4.58 -3.60
N ARG A 5 6.72 -3.70 -4.35
CA ARG A 5 7.13 -3.96 -5.78
C ARG A 5 5.94 -4.04 -6.75
N ASN A 6 4.96 -4.83 -6.42
CA ASN A 6 3.73 -5.00 -7.25
C ASN A 6 2.79 -4.24 -6.34
N TRP A 7 1.76 -3.70 -6.92
CA TRP A 7 0.85 -2.93 -6.05
C TRP A 7 -0.56 -3.48 -5.93
N CYS A 8 -1.17 -2.74 -5.07
CA CYS A 8 -2.57 -2.89 -4.63
C CYS A 8 -3.44 -1.88 -5.37
N GLY A 9 -2.79 -0.84 -5.82
CA GLY A 9 -3.49 0.25 -6.58
C GLY A 9 -3.97 1.19 -5.47
N LYS A 10 -4.78 0.63 -4.62
CA LYS A 10 -5.37 1.36 -3.46
C LYS A 10 -5.28 0.44 -2.28
N ASN A 11 -5.82 0.87 -1.17
CA ASN A 11 -5.76 -0.01 0.03
C ASN A 11 -6.88 -1.08 -0.15
N GLU A 12 -6.83 -1.81 -1.24
CA GLU A 12 -7.88 -2.87 -1.46
C GLU A 12 -7.29 -4.12 -0.77
N ASP A 13 -6.25 -4.64 -1.37
CA ASP A 13 -5.57 -5.86 -0.82
C ASP A 13 -4.06 -5.61 -0.63
N CYS A 14 -3.52 -6.12 0.45
CA CYS A 14 -2.07 -5.97 0.77
C CYS A 14 -1.74 -7.06 1.78
N CYS A 15 -0.48 -7.21 2.05
CA CYS A 15 0.01 -8.22 3.04
C CYS A 15 0.50 -7.21 4.08
N CYS A 16 -0.46 -6.82 4.87
CA CYS A 16 -0.25 -5.84 5.96
C CYS A 16 1.05 -5.91 6.77
N PRO A 17 1.34 -4.79 7.42
CA PRO A 17 0.59 -3.50 7.45
C PRO A 17 1.07 -2.41 6.50
N MET A 18 0.59 -2.53 5.31
CA MET A 18 0.91 -1.56 4.25
C MET A 18 -0.38 -1.01 3.72
N LYS A 19 -0.19 0.12 3.13
CA LYS A 19 -1.32 0.86 2.51
C LYS A 19 -0.79 1.12 1.11
N CYS A 20 -1.68 1.34 0.19
CA CYS A 20 -1.18 1.60 -1.18
C CYS A 20 -0.87 3.09 -1.28
N ILE A 21 0.40 3.36 -1.46
CA ILE A 21 0.95 4.73 -1.59
C ILE A 21 0.80 5.09 -3.05
N TYR A 22 1.02 6.34 -3.30
CA TYR A 22 0.93 6.90 -4.68
C TYR A 22 2.24 7.58 -5.05
N ALA A 23 2.31 8.23 -6.18
CA ALA A 23 3.59 8.92 -6.58
C ALA A 23 3.24 10.35 -7.01
N TRP A 24 4.05 10.94 -7.86
CA TRP A 24 3.75 12.32 -8.32
C TRP A 24 2.49 12.23 -9.19
N TYR A 25 2.59 11.42 -10.22
CA TYR A 25 1.42 11.25 -11.14
C TYR A 25 0.37 10.47 -10.34
N ASN A 26 -0.82 10.38 -10.88
CA ASN A 26 -1.90 9.62 -10.17
C ASN A 26 -2.42 8.56 -11.15
N GLN A 27 -3.24 7.69 -10.60
CA GLN A 27 -3.91 6.53 -11.31
C GLN A 27 -3.63 5.23 -10.54
N GLN A 28 -2.37 4.93 -10.34
CA GLN A 28 -1.97 3.68 -9.61
C GLN A 28 -1.18 3.99 -8.33
N GLY A 29 -1.01 2.98 -7.52
CA GLY A 29 -0.27 3.14 -6.21
C GLY A 29 0.69 1.99 -5.91
N SER A 30 1.14 1.83 -4.67
CA SER A 30 2.07 0.72 -4.28
C SER A 30 1.92 0.33 -2.81
N CYS A 31 1.92 -0.95 -2.51
CA CYS A 31 1.78 -1.37 -1.08
C CYS A 31 3.03 -0.98 -0.31
N GLN A 32 2.97 0.06 0.50
CA GLN A 32 4.20 0.40 1.25
C GLN A 32 3.77 0.52 2.67
N THR A 33 4.72 0.30 3.53
CA THR A 33 4.39 0.39 4.95
C THR A 33 4.34 1.81 5.46
N THR A 34 3.49 2.60 4.87
CA THR A 34 3.45 3.99 5.39
C THR A 34 2.12 4.62 5.21
N ILE A 35 2.01 5.80 5.78
CA ILE A 35 0.79 6.67 5.77
C ILE A 35 -0.03 6.07 6.91
N THR A 36 -0.29 4.80 6.74
CA THR A 36 -1.08 3.99 7.69
C THR A 36 -0.46 2.58 7.62
N GLY A 37 0.84 2.54 7.55
CA GLY A 37 1.51 1.22 7.47
C GLY A 37 2.33 0.94 8.69
N LEU A 38 1.72 1.22 9.79
CA LEU A 38 2.39 1.00 11.11
C LEU A 38 1.36 0.68 12.18
N PHE A 39 0.43 1.58 12.31
CA PHE A 39 -0.66 1.41 13.31
C PHE A 39 -1.91 0.81 12.68
N LYS A 40 -1.68 -0.20 11.90
CA LYS A 40 -2.84 -0.88 11.23
C LYS A 40 -3.20 -2.03 12.17
N LYS A 41 -4.20 -2.81 11.86
CA LYS A 41 -4.55 -3.93 12.79
C LYS A 41 -4.42 -5.29 12.11
N CYS A 42 -3.18 -5.62 11.97
CA CYS A 42 -2.70 -6.88 11.35
C CYS A 42 -1.69 -7.41 12.39
N CYS A 1 -2.67 -11.04 0.48
CA CYS A 1 -1.30 -10.61 0.88
C CYS A 1 -0.59 -10.16 -0.41
N ALA A 2 0.40 -9.30 -0.30
CA ALA A 2 1.17 -8.79 -1.49
C ALA A 2 2.50 -8.24 -0.91
N LYS A 3 3.50 -8.05 -1.73
CA LYS A 3 4.80 -7.52 -1.22
C LYS A 3 5.12 -6.33 -2.13
N LYS A 4 5.93 -5.43 -1.63
CA LYS A 4 6.31 -4.23 -2.42
C LYS A 4 6.73 -4.53 -3.89
N ARG A 5 6.52 -3.54 -4.71
CA ARG A 5 6.81 -3.51 -6.19
C ARG A 5 5.45 -3.53 -6.90
N ASN A 6 4.74 -4.58 -6.62
CA ASN A 6 3.37 -4.75 -7.22
C ASN A 6 2.49 -3.99 -6.27
N TRP A 7 1.37 -3.61 -6.80
CA TRP A 7 0.44 -2.85 -5.96
C TRP A 7 -0.91 -3.47 -5.79
N CYS A 8 -1.58 -2.80 -4.92
CA CYS A 8 -2.97 -3.13 -4.51
C CYS A 8 -3.92 -2.12 -5.20
N GLY A 9 -3.35 -1.07 -5.74
CA GLY A 9 -4.14 -0.01 -6.46
C GLY A 9 -4.58 0.98 -5.39
N LYS A 10 -5.29 0.39 -4.49
CA LYS A 10 -5.88 1.05 -3.29
C LYS A 10 -5.46 0.14 -2.18
N ASN A 11 -5.78 0.46 -0.96
CA ASN A 11 -5.37 -0.44 0.16
C ASN A 11 -6.29 -1.68 0.18
N GLU A 12 -6.40 -2.38 -0.92
CA GLU A 12 -7.28 -3.61 -0.93
C GLU A 12 -6.48 -4.86 -0.45
N ASP A 13 -5.46 -5.31 -1.15
CA ASP A 13 -4.71 -6.53 -0.65
C ASP A 13 -3.16 -6.46 -0.58
N CYS A 14 -2.66 -6.75 0.59
CA CYS A 14 -1.20 -6.76 0.89
C CYS A 14 -0.93 -7.59 2.10
N CYS A 15 0.33 -7.79 2.29
CA CYS A 15 0.79 -8.60 3.44
C CYS A 15 1.15 -7.56 4.49
N CYS A 16 0.09 -7.17 5.15
CA CYS A 16 0.20 -6.16 6.23
C CYS A 16 1.45 -6.29 7.13
N PRO A 17 1.94 -5.14 7.51
CA PRO A 17 1.29 -3.82 7.38
C PRO A 17 1.60 -3.32 5.97
N MET A 18 0.66 -2.61 5.42
CA MET A 18 0.71 -2.00 4.07
C MET A 18 -0.38 -0.95 3.97
N LYS A 19 -0.29 -0.19 2.91
CA LYS A 19 -1.25 0.88 2.57
C LYS A 19 -0.92 0.95 1.08
N CYS A 20 -1.82 1.29 0.18
CA CYS A 20 -1.31 1.30 -1.21
C CYS A 20 -0.75 2.72 -1.28
N ILE A 21 0.45 2.83 -1.79
CA ILE A 21 1.12 4.16 -1.89
C ILE A 21 1.11 4.73 -3.31
N TYR A 22 0.94 6.02 -3.34
CA TYR A 22 0.89 6.80 -4.60
C TYR A 22 2.03 7.84 -4.62
N ALA A 23 2.19 8.49 -5.73
CA ALA A 23 3.24 9.53 -5.89
C ALA A 23 2.63 10.68 -6.70
N TRP A 24 3.27 11.82 -6.67
CA TRP A 24 2.81 13.05 -7.40
C TRP A 24 1.65 12.89 -8.42
N TYR A 25 1.93 12.17 -9.47
CA TYR A 25 0.94 11.91 -10.57
C TYR A 25 -0.26 11.03 -10.17
N ASN A 26 -0.42 10.86 -8.89
CA ASN A 26 -1.51 10.05 -8.26
C ASN A 26 -2.37 9.18 -9.20
N GLN A 27 -1.77 8.12 -9.71
CA GLN A 27 -2.51 7.21 -10.64
C GLN A 27 -2.85 5.85 -10.04
N GLN A 28 -1.81 5.14 -9.68
CA GLN A 28 -1.99 3.79 -9.07
C GLN A 28 -1.41 3.77 -7.67
N GLY A 29 -1.47 2.62 -7.05
CA GLY A 29 -0.94 2.51 -5.65
C GLY A 29 0.28 1.58 -5.60
N SER A 30 0.54 1.04 -4.44
CA SER A 30 1.70 0.11 -4.26
C SER A 30 1.74 -0.48 -2.87
N CYS A 31 2.13 -1.74 -2.82
CA CYS A 31 2.21 -2.45 -1.52
C CYS A 31 3.40 -1.86 -0.76
N GLN A 32 3.15 -0.73 -0.14
CA GLN A 32 4.21 -0.04 0.64
C GLN A 32 3.54 0.27 1.95
N THR A 33 4.25 -0.07 3.00
CA THR A 33 3.67 0.18 4.32
C THR A 33 4.28 1.37 5.04
N THR A 34 4.05 2.50 4.43
CA THR A 34 4.56 3.78 4.97
C THR A 34 3.53 4.87 4.94
N ILE A 35 3.93 5.92 5.61
CA ILE A 35 3.19 7.20 5.82
C ILE A 35 2.16 6.86 6.90
N THR A 36 1.42 5.83 6.64
CA THR A 36 0.36 5.36 7.60
C THR A 36 0.29 3.84 7.50
N GLY A 37 1.39 3.23 7.10
CA GLY A 37 1.41 1.74 6.98
C GLY A 37 1.82 1.18 8.32
N LEU A 38 1.06 1.60 9.27
CA LEU A 38 1.28 1.17 10.67
C LEU A 38 -0.02 1.41 11.43
N PHE A 39 -0.64 2.54 11.18
CA PHE A 39 -1.92 2.86 11.88
C PHE A 39 -3.06 2.11 11.17
N LYS A 40 -2.78 0.88 10.82
CA LYS A 40 -3.77 0.04 10.13
C LYS A 40 -3.78 -1.32 10.82
N LYS A 41 -4.60 -1.48 11.81
CA LYS A 41 -4.63 -2.81 12.49
C LYS A 41 -5.05 -3.78 11.37
N CYS A 42 -4.36 -4.88 11.25
CA CYS A 42 -4.66 -5.91 10.22
C CYS A 42 -4.60 -7.26 10.97
N CYS A 1 -2.53 -11.25 0.78
CA CYS A 1 -1.14 -10.76 1.00
C CYS A 1 -0.48 -10.43 -0.34
N ALA A 2 0.02 -9.23 -0.46
CA ALA A 2 0.70 -8.76 -1.70
C ALA A 2 2.16 -8.49 -1.26
N LYS A 3 2.95 -7.86 -2.08
CA LYS A 3 4.36 -7.58 -1.69
C LYS A 3 4.79 -6.27 -2.34
N LYS A 4 5.51 -5.52 -1.56
CA LYS A 4 6.06 -4.19 -1.98
C LYS A 4 6.95 -4.32 -3.25
N ARG A 5 6.29 -4.53 -4.35
CA ARG A 5 6.95 -4.69 -5.70
C ARG A 5 5.87 -4.30 -6.70
N ASN A 6 4.74 -4.90 -6.46
CA ASN A 6 3.51 -4.70 -7.28
C ASN A 6 2.69 -3.85 -6.38
N TRP A 7 1.65 -3.34 -6.95
CA TRP A 7 0.81 -2.50 -6.12
C TRP A 7 -0.57 -3.07 -6.00
N CYS A 8 -1.22 -2.41 -5.11
CA CYS A 8 -2.63 -2.73 -4.78
C CYS A 8 -3.51 -1.65 -5.42
N GLY A 9 -2.85 -0.61 -5.90
CA GLY A 9 -3.55 0.53 -6.56
C GLY A 9 -4.05 1.41 -5.42
N LYS A 10 -4.94 0.81 -4.67
CA LYS A 10 -5.64 1.36 -3.49
C LYS A 10 -5.49 0.25 -2.44
N ASN A 11 -5.76 0.56 -1.20
CA ASN A 11 -5.67 -0.43 -0.06
C ASN A 11 -5.77 -1.92 -0.40
N GLU A 12 -6.58 -2.20 -1.39
CA GLU A 12 -6.86 -3.58 -1.92
C GLU A 12 -6.39 -4.73 -0.97
N ASP A 13 -5.47 -5.57 -1.40
CA ASP A 13 -4.97 -6.69 -0.52
C ASP A 13 -3.45 -6.60 -0.48
N CYS A 14 -2.90 -6.67 0.69
CA CYS A 14 -1.44 -6.60 0.87
C CYS A 14 -1.11 -7.43 2.08
N CYS A 15 0.16 -7.63 2.26
CA CYS A 15 0.58 -8.45 3.42
C CYS A 15 0.82 -7.43 4.51
N CYS A 16 -0.29 -7.11 5.11
CA CYS A 16 -0.34 -6.13 6.20
C CYS A 16 0.81 -6.37 7.19
N PRO A 17 1.44 -5.29 7.56
CA PRO A 17 0.94 -3.91 7.39
C PRO A 17 1.39 -3.45 6.01
N MET A 18 0.50 -2.72 5.41
CA MET A 18 0.58 -2.10 4.06
C MET A 18 -0.51 -1.04 3.97
N LYS A 19 -0.36 -0.24 2.97
CA LYS A 19 -1.27 0.88 2.62
C LYS A 19 -0.97 0.92 1.12
N CYS A 20 -1.87 1.36 0.28
CA CYS A 20 -1.43 1.36 -1.13
C CYS A 20 -0.97 2.80 -1.21
N ILE A 21 0.24 3.00 -1.67
CA ILE A 21 0.83 4.37 -1.79
C ILE A 21 0.68 5.02 -3.10
N TYR A 22 1.08 6.26 -3.10
CA TYR A 22 1.01 7.12 -4.29
C TYR A 22 2.35 7.83 -4.41
N ALA A 23 2.61 8.35 -5.56
CA ALA A 23 3.88 9.08 -5.84
C ALA A 23 3.43 10.41 -6.41
N TRP A 24 4.21 10.98 -7.28
CA TRP A 24 3.81 12.28 -7.87
C TRP A 24 2.54 12.01 -8.71
N TYR A 25 2.42 10.79 -9.16
CA TYR A 25 1.24 10.38 -9.97
C TYR A 25 -0.09 10.65 -9.28
N ASN A 26 -1.10 10.56 -10.10
CA ASN A 26 -2.49 10.81 -9.62
C ASN A 26 -3.48 9.72 -10.09
N GLN A 27 -3.14 8.47 -9.90
CA GLN A 27 -4.05 7.36 -10.33
C GLN A 27 -3.68 6.00 -9.74
N GLN A 28 -2.46 5.57 -9.92
CA GLN A 28 -2.06 4.24 -9.36
C GLN A 28 -1.22 4.35 -8.10
N GLY A 29 -0.98 3.22 -7.48
CA GLY A 29 -0.18 3.24 -6.21
C GLY A 29 0.77 2.08 -5.94
N SER A 30 1.12 1.81 -4.69
CA SER A 30 2.05 0.66 -4.38
C SER A 30 1.80 -0.05 -3.06
N CYS A 31 2.24 -1.27 -2.88
CA CYS A 31 1.99 -2.00 -1.58
C CYS A 31 3.07 -1.56 -0.58
N GLN A 32 2.84 -0.46 0.10
CA GLN A 32 3.84 0.05 1.08
C GLN A 32 3.20 0.21 2.47
N THR A 33 3.98 -0.03 3.48
CA THR A 33 3.39 0.12 4.83
C THR A 33 3.97 1.32 5.55
N THR A 34 3.80 2.44 4.91
CA THR A 34 4.31 3.70 5.51
C THR A 34 3.29 4.74 5.21
N ILE A 35 3.40 5.83 5.93
CA ILE A 35 2.49 7.02 5.84
C ILE A 35 1.20 6.59 6.55
N THR A 36 0.70 5.44 6.22
CA THR A 36 -0.54 4.91 6.86
C THR A 36 -0.38 3.39 6.95
N GLY A 37 0.83 2.98 7.21
CA GLY A 37 1.12 1.52 7.34
C GLY A 37 1.03 1.14 8.79
N LEU A 38 1.42 2.09 9.58
CA LEU A 38 1.41 1.90 11.05
C LEU A 38 0.03 2.31 11.57
N PHE A 39 -0.79 2.79 10.68
CA PHE A 39 -2.16 3.22 11.09
C PHE A 39 -3.16 2.13 10.67
N LYS A 40 -2.80 0.89 10.87
CA LYS A 40 -3.76 -0.20 10.49
C LYS A 40 -3.83 -1.33 11.52
N LYS A 41 -2.73 -2.02 11.69
CA LYS A 41 -2.58 -3.18 12.65
C LYS A 41 -3.28 -4.42 12.06
N CYS A 42 -2.58 -5.51 11.96
CA CYS A 42 -3.18 -6.74 11.40
C CYS A 42 -2.88 -7.83 12.45
N CYS A 1 -2.97 -9.79 0.70
CA CYS A 1 -1.50 -9.97 0.90
C CYS A 1 -0.76 -9.83 -0.43
N ALA A 2 -0.08 -8.74 -0.60
CA ALA A 2 0.71 -8.45 -1.84
C ALA A 2 2.07 -8.07 -1.26
N LYS A 3 3.03 -7.72 -2.06
CA LYS A 3 4.36 -7.36 -1.48
C LYS A 3 4.94 -6.16 -2.24
N LYS A 4 5.55 -5.29 -1.46
CA LYS A 4 6.20 -4.06 -1.99
C LYS A 4 7.05 -4.32 -3.26
N ARG A 5 6.37 -4.33 -4.38
CA ARG A 5 7.02 -4.55 -5.71
C ARG A 5 5.92 -4.33 -6.73
N ASN A 6 4.83 -4.97 -6.42
CA ASN A 6 3.59 -4.91 -7.26
C ASN A 6 2.69 -4.12 -6.38
N TRP A 7 1.64 -3.67 -6.98
CA TRP A 7 0.72 -2.88 -6.16
C TRP A 7 -0.59 -3.59 -5.92
N CYS A 8 -1.31 -2.97 -5.06
CA CYS A 8 -2.64 -3.45 -4.63
C CYS A 8 -3.69 -2.56 -5.32
N GLY A 9 -3.22 -1.51 -5.94
CA GLY A 9 -4.12 -0.55 -6.65
C GLY A 9 -4.63 0.38 -5.56
N LYS A 10 -5.40 -0.21 -4.69
CA LYS A 10 -6.00 0.52 -3.54
C LYS A 10 -5.56 -0.29 -2.34
N ASN A 11 -5.96 0.13 -1.19
CA ASN A 11 -5.57 -0.61 0.04
C ASN A 11 -6.43 -1.87 0.18
N GLU A 12 -6.53 -2.67 -0.87
CA GLU A 12 -7.35 -3.92 -0.79
C GLU A 12 -6.64 -5.20 -0.31
N ASP A 13 -5.84 -5.81 -1.15
CA ASP A 13 -5.15 -7.07 -0.74
C ASP A 13 -3.63 -7.11 -0.57
N CYS A 14 -3.11 -6.21 0.23
CA CYS A 14 -1.63 -6.18 0.46
C CYS A 14 -1.42 -7.02 1.71
N CYS A 15 -0.18 -7.25 2.01
CA CYS A 15 0.21 -8.05 3.20
C CYS A 15 0.69 -7.01 4.19
N CYS A 16 -0.14 -6.79 5.17
CA CYS A 16 0.12 -5.80 6.25
C CYS A 16 1.55 -5.67 6.82
N PRO A 17 1.84 -4.51 7.37
CA PRO A 17 0.99 -3.26 7.42
C PRO A 17 1.25 -2.31 6.24
N MET A 18 0.54 -2.56 5.18
CA MET A 18 0.68 -1.75 3.93
C MET A 18 -0.55 -0.95 3.57
N LYS A 19 -0.29 0.14 2.89
CA LYS A 19 -1.42 1.01 2.44
C LYS A 19 -1.09 1.10 0.94
N CYS A 20 -2.02 1.12 0.01
CA CYS A 20 -1.52 1.21 -1.38
C CYS A 20 -1.27 2.70 -1.59
N ILE A 21 -0.08 3.00 -2.05
CA ILE A 21 0.37 4.40 -2.30
C ILE A 21 0.20 4.73 -3.77
N TYR A 22 0.27 6.01 -3.99
CA TYR A 22 0.13 6.63 -5.33
C TYR A 22 1.36 7.47 -5.74
N ALA A 23 1.78 8.30 -4.81
CA ALA A 23 2.95 9.24 -4.90
C ALA A 23 2.27 10.62 -4.86
N TRP A 24 2.94 11.58 -5.42
CA TRP A 24 2.40 12.98 -5.46
C TRP A 24 1.73 13.05 -6.86
N TYR A 25 2.32 12.29 -7.74
CA TYR A 25 1.87 12.16 -9.16
C TYR A 25 0.57 11.34 -9.21
N ASN A 26 -0.01 11.24 -10.38
CA ASN A 26 -1.27 10.47 -10.54
C ASN A 26 -0.95 9.18 -11.30
N GLN A 27 -0.69 8.14 -10.52
CA GLN A 27 -0.36 6.81 -11.09
C GLN A 27 -1.45 5.88 -10.52
N GLN A 28 -1.13 4.62 -10.34
CA GLN A 28 -2.11 3.64 -9.80
C GLN A 28 -1.68 3.41 -8.33
N GLY A 29 -1.84 2.23 -7.78
CA GLY A 29 -1.42 2.08 -6.35
C GLY A 29 -0.07 1.39 -6.13
N SER A 30 0.24 1.07 -4.90
CA SER A 30 1.54 0.38 -4.59
C SER A 30 1.63 -0.05 -3.14
N CYS A 31 2.06 -1.26 -2.89
CA CYS A 31 2.16 -1.71 -1.48
C CYS A 31 3.30 -1.02 -0.73
N GLN A 32 3.06 0.05 0.00
CA GLN A 32 4.22 0.68 0.71
C GLN A 32 3.80 0.77 2.16
N THR A 33 4.77 0.52 2.98
CA THR A 33 4.47 0.56 4.42
C THR A 33 4.45 1.97 4.96
N THR A 34 3.60 2.79 4.42
CA THR A 34 3.62 4.14 4.98
C THR A 34 2.27 4.77 4.88
N ILE A 35 2.20 5.91 5.51
CA ILE A 35 1.01 6.81 5.62
C ILE A 35 0.20 6.15 6.74
N THR A 36 -0.02 4.88 6.57
CA THR A 36 -0.78 4.07 7.54
C THR A 36 -0.18 2.65 7.39
N GLY A 37 1.12 2.59 7.27
CA GLY A 37 1.79 1.27 7.12
C GLY A 37 2.63 0.91 8.33
N LEU A 38 2.14 1.34 9.45
CA LEU A 38 2.85 1.08 10.72
C LEU A 38 1.84 1.07 11.86
N PHE A 39 1.23 2.22 12.02
CA PHE A 39 0.20 2.40 13.09
C PHE A 39 -1.15 2.07 12.48
N LYS A 40 -1.17 0.89 11.93
CA LYS A 40 -2.36 0.31 11.25
C LYS A 40 -2.59 -1.03 11.93
N LYS A 41 -3.83 -1.44 12.01
CA LYS A 41 -4.12 -2.75 12.65
C LYS A 41 -4.61 -3.64 11.52
N CYS A 42 -4.13 -4.86 11.52
CA CYS A 42 -4.51 -5.86 10.49
C CYS A 42 -5.10 -6.90 11.43
N CYS A 1 -4.00 -9.71 -0.05
CA CYS A 1 -2.70 -9.30 0.59
C CYS A 1 -1.65 -9.22 -0.54
N ALA A 2 -0.94 -8.11 -0.68
CA ALA A 2 0.10 -7.96 -1.75
C ALA A 2 1.37 -7.44 -1.04
N LYS A 3 2.44 -7.32 -1.79
CA LYS A 3 3.73 -6.84 -1.19
C LYS A 3 4.27 -5.60 -1.93
N LYS A 4 4.93 -4.77 -1.17
CA LYS A 4 5.51 -3.51 -1.73
C LYS A 4 6.49 -3.77 -2.88
N ARG A 5 6.06 -3.47 -4.07
CA ARG A 5 6.83 -3.63 -5.36
C ARG A 5 5.78 -4.01 -6.39
N ASN A 6 5.00 -4.98 -6.02
CA ASN A 6 3.92 -5.48 -6.91
C ASN A 6 2.78 -4.85 -6.17
N TRP A 7 2.59 -3.60 -6.53
CA TRP A 7 1.50 -2.82 -5.90
C TRP A 7 0.15 -3.52 -5.84
N CYS A 8 -0.66 -2.86 -5.10
CA CYS A 8 -2.06 -3.29 -4.83
C CYS A 8 -2.92 -2.41 -5.76
N GLY A 9 -2.39 -1.28 -6.12
CA GLY A 9 -3.12 -0.36 -7.02
C GLY A 9 -3.80 0.68 -6.14
N LYS A 10 -4.38 0.13 -5.12
CA LYS A 10 -5.12 0.90 -4.09
C LYS A 10 -5.13 0.15 -2.79
N ASN A 11 -5.84 0.74 -1.88
CA ASN A 11 -5.96 0.16 -0.52
C ASN A 11 -6.88 -1.09 -0.55
N GLU A 12 -6.68 -1.99 -1.46
CA GLU A 12 -7.55 -3.21 -1.47
C GLU A 12 -6.81 -4.47 -1.02
N ASP A 13 -5.76 -4.83 -1.71
CA ASP A 13 -5.01 -6.06 -1.30
C ASP A 13 -3.56 -5.87 -0.84
N CYS A 14 -3.41 -5.53 0.41
CA CYS A 14 -2.04 -5.32 0.99
C CYS A 14 -1.81 -6.35 2.08
N CYS A 15 -0.59 -6.80 2.19
CA CYS A 15 -0.28 -7.81 3.23
C CYS A 15 0.22 -6.94 4.38
N CYS A 16 -0.79 -6.27 4.89
CA CYS A 16 -0.62 -5.32 6.02
C CYS A 16 0.33 -5.74 7.15
N PRO A 17 0.99 -4.73 7.68
CA PRO A 17 0.64 -3.30 7.59
C PRO A 17 1.33 -2.57 6.45
N MET A 18 0.52 -2.17 5.52
CA MET A 18 0.99 -1.44 4.31
C MET A 18 -0.25 -0.75 3.76
N LYS A 19 -0.03 0.18 2.90
CA LYS A 19 -1.20 0.91 2.28
C LYS A 19 -0.80 1.05 0.83
N CYS A 20 -1.69 1.27 -0.11
CA CYS A 20 -1.11 1.38 -1.47
C CYS A 20 -0.72 2.85 -1.63
N ILE A 21 0.43 3.04 -2.21
CA ILE A 21 1.00 4.40 -2.44
C ILE A 21 0.86 4.75 -3.91
N TYR A 22 0.94 6.02 -4.11
CA TYR A 22 0.83 6.64 -5.46
C TYR A 22 2.15 7.37 -5.76
N ALA A 23 2.36 8.40 -4.96
CA ALA A 23 3.53 9.35 -4.97
C ALA A 23 2.96 10.75 -5.22
N TRP A 24 3.05 11.24 -6.43
CA TRP A 24 2.52 12.60 -6.77
C TRP A 24 1.45 12.37 -7.85
N TYR A 25 1.89 11.71 -8.91
CA TYR A 25 0.97 11.40 -10.05
C TYR A 25 -0.03 10.35 -9.45
N ASN A 26 -1.16 10.09 -10.08
CA ASN A 26 -2.10 9.08 -9.48
C ASN A 26 -2.70 8.15 -10.54
N GLN A 27 -1.85 7.29 -11.04
CA GLN A 27 -2.28 6.32 -12.08
C GLN A 27 -2.39 4.95 -11.42
N GLN A 28 -1.37 4.57 -10.70
CA GLN A 28 -1.39 3.25 -10.01
C GLN A 28 -1.01 3.38 -8.55
N GLY A 29 -1.09 2.25 -7.88
CA GLY A 29 -0.77 2.22 -6.42
C GLY A 29 0.56 1.56 -6.09
N SER A 30 0.75 1.26 -4.82
CA SER A 30 2.02 0.60 -4.37
C SER A 30 2.02 0.29 -2.90
N CYS A 31 1.64 -0.89 -2.54
CA CYS A 31 1.60 -1.32 -1.12
C CYS A 31 2.92 -0.82 -0.49
N GLN A 32 2.94 0.21 0.30
CA GLN A 32 4.17 0.72 0.94
C GLN A 32 3.82 0.74 2.37
N THR A 33 4.81 0.58 3.19
CA THR A 33 4.51 0.56 4.62
C THR A 33 4.31 1.90 5.23
N THR A 34 3.38 2.62 4.70
CA THR A 34 3.15 3.94 5.28
C THR A 34 1.70 4.28 5.33
N ILE A 35 1.46 5.43 5.93
CA ILE A 35 0.16 6.11 6.19
C ILE A 35 -0.62 5.21 7.17
N THR A 36 -0.64 3.94 6.92
CA THR A 36 -1.33 2.93 7.78
C THR A 36 -0.46 1.67 7.70
N GLY A 37 0.82 1.87 7.49
CA GLY A 37 1.75 0.71 7.41
C GLY A 37 2.71 0.77 8.57
N LEU A 38 2.19 1.32 9.63
CA LEU A 38 2.98 1.48 10.88
C LEU A 38 2.07 1.27 12.08
N PHE A 39 1.27 2.27 12.36
CA PHE A 39 0.33 2.20 13.52
C PHE A 39 -1.02 1.61 13.13
N LYS A 40 -0.92 0.57 12.34
CA LYS A 40 -2.12 -0.15 11.85
C LYS A 40 -1.76 -1.61 12.04
N LYS A 41 -2.62 -2.38 12.64
CA LYS A 41 -2.29 -3.82 12.83
C LYS A 41 -3.09 -4.53 11.75
N CYS A 42 -2.66 -5.71 11.43
CA CYS A 42 -3.30 -6.55 10.38
C CYS A 42 -3.88 -7.75 11.15
N CYS A 1 -3.23 -9.09 -0.22
CA CYS A 1 -1.87 -9.34 0.33
C CYS A 1 -0.77 -9.25 -0.75
N ALA A 2 -0.14 -8.11 -0.88
CA ALA A 2 0.95 -7.94 -1.89
C ALA A 2 2.20 -7.61 -1.04
N LYS A 3 3.41 -7.72 -1.56
CA LYS A 3 4.60 -7.40 -0.68
C LYS A 3 5.47 -6.25 -1.27
N LYS A 4 4.79 -5.16 -1.55
CA LYS A 4 5.45 -3.93 -2.13
C LYS A 4 6.06 -4.37 -3.51
N ARG A 5 6.72 -3.49 -4.24
CA ARG A 5 7.35 -3.80 -5.58
C ARG A 5 6.20 -3.71 -6.60
N ASN A 6 5.28 -4.59 -6.36
CA ASN A 6 4.03 -4.73 -7.16
C ASN A 6 3.09 -4.05 -6.19
N TRP A 7 1.95 -3.68 -6.67
CA TRP A 7 1.03 -3.01 -5.74
C TRP A 7 -0.34 -3.64 -5.53
N CYS A 8 -1.09 -2.84 -4.82
CA CYS A 8 -2.48 -3.14 -4.44
C CYS A 8 -3.45 -2.25 -5.23
N GLY A 9 -2.96 -1.13 -5.69
CA GLY A 9 -3.82 -0.19 -6.49
C GLY A 9 -4.37 0.81 -5.46
N LYS A 10 -5.12 0.20 -4.59
CA LYS A 10 -5.81 0.85 -3.45
C LYS A 10 -5.44 -0.19 -2.39
N ASN A 11 -5.39 0.19 -1.14
CA ASN A 11 -5.03 -0.80 -0.06
C ASN A 11 -5.59 -2.22 -0.34
N GLU A 12 -6.71 -2.23 -1.02
CA GLU A 12 -7.46 -3.44 -1.43
C GLU A 12 -6.83 -4.81 -1.19
N ASP A 13 -5.82 -5.13 -1.96
CA ASP A 13 -5.16 -6.47 -1.79
C ASP A 13 -3.72 -6.39 -1.27
N CYS A 14 -3.45 -5.53 -0.32
CA CYS A 14 -2.04 -5.47 0.17
C CYS A 14 -1.92 -6.41 1.37
N CYS A 15 -0.70 -6.69 1.76
CA CYS A 15 -0.43 -7.59 2.91
C CYS A 15 0.06 -6.74 4.09
N CYS A 16 -0.91 -6.21 4.77
CA CYS A 16 -0.66 -5.33 5.96
C CYS A 16 0.49 -5.72 6.92
N PRO A 17 1.10 -4.71 7.50
CA PRO A 17 0.66 -3.29 7.54
C PRO A 17 1.32 -2.46 6.44
N MET A 18 0.52 -2.22 5.46
CA MET A 18 0.92 -1.45 4.26
C MET A 18 -0.36 -0.88 3.73
N LYS A 19 -0.23 0.25 3.10
CA LYS A 19 -1.45 0.91 2.52
C LYS A 19 -1.07 1.11 1.06
N CYS A 20 -1.97 1.49 0.18
CA CYS A 20 -1.46 1.66 -1.22
C CYS A 20 -1.07 3.12 -1.33
N ILE A 21 -0.04 3.37 -2.10
CA ILE A 21 0.48 4.76 -2.27
C ILE A 21 0.44 5.41 -3.61
N TYR A 22 0.55 6.69 -3.48
CA TYR A 22 0.51 7.60 -4.63
C TYR A 22 1.76 8.48 -4.70
N ALA A 23 1.94 9.29 -3.68
CA ALA A 23 3.09 10.24 -3.56
C ALA A 23 2.92 11.30 -4.64
N TRP A 24 3.16 10.87 -5.85
CA TRP A 24 3.04 11.70 -7.07
C TRP A 24 2.81 10.71 -8.23
N TYR A 25 1.96 11.14 -9.13
CA TYR A 25 1.51 10.44 -10.39
C TYR A 25 0.09 9.95 -10.14
N ASN A 26 -0.59 9.49 -11.18
CA ASN A 26 -1.99 8.99 -11.00
C ASN A 26 -2.15 7.69 -11.77
N GLN A 27 -1.43 6.67 -11.40
CA GLN A 27 -1.52 5.36 -12.12
C GLN A 27 -1.55 4.32 -11.04
N GLN A 28 -2.74 4.03 -10.56
CA GLN A 28 -2.91 3.01 -9.49
C GLN A 28 -2.12 3.53 -8.28
N GLY A 29 -1.79 2.67 -7.36
CA GLY A 29 -1.03 3.11 -6.15
C GLY A 29 -0.12 1.98 -5.71
N SER A 30 0.84 2.21 -4.83
CA SER A 30 1.73 1.08 -4.41
C SER A 30 1.69 0.61 -2.97
N CYS A 31 1.84 -0.68 -2.77
CA CYS A 31 1.83 -1.24 -1.39
C CYS A 31 3.02 -0.54 -0.74
N GLN A 32 2.79 0.41 0.13
CA GLN A 32 3.95 1.08 0.73
C GLN A 32 3.70 0.99 2.21
N THR A 33 4.75 0.64 2.88
CA THR A 33 4.66 0.48 4.32
C THR A 33 4.71 1.75 5.13
N THR A 34 3.91 2.68 4.70
CA THR A 34 3.91 3.94 5.47
C THR A 34 2.58 4.59 5.40
N ILE A 35 2.46 5.63 6.18
CA ILE A 35 1.25 6.49 6.34
C ILE A 35 0.28 5.66 7.19
N THR A 36 0.09 4.43 6.79
CA THR A 36 -0.82 3.51 7.53
C THR A 36 -0.21 2.11 7.33
N GLY A 37 1.10 2.08 7.26
CA GLY A 37 1.85 0.79 7.07
C GLY A 37 2.75 0.49 8.24
N LEU A 38 2.31 0.94 9.38
CA LEU A 38 3.10 0.72 10.63
C LEU A 38 2.16 0.58 11.83
N PHE A 39 1.54 1.66 12.19
CA PHE A 39 0.60 1.69 13.35
C PHE A 39 -0.79 1.33 12.85
N LYS A 40 -0.84 0.23 12.15
CA LYS A 40 -2.12 -0.27 11.56
C LYS A 40 -2.35 -1.64 12.21
N LYS A 41 -3.59 -1.97 12.46
CA LYS A 41 -3.91 -3.28 13.08
C LYS A 41 -4.60 -4.06 11.95
N CYS A 42 -4.10 -5.23 11.70
CA CYS A 42 -4.64 -6.13 10.66
C CYS A 42 -4.70 -7.48 11.38
N CYS A 1 -2.99 -9.40 0.05
CA CYS A 1 -1.57 -9.62 0.45
C CYS A 1 -0.62 -9.34 -0.71
N ALA A 2 -0.05 -8.17 -0.73
CA ALA A 2 0.91 -7.76 -1.82
C ALA A 2 2.24 -7.56 -1.06
N LYS A 3 3.36 -7.76 -1.72
CA LYS A 3 4.70 -7.58 -1.02
C LYS A 3 5.53 -6.44 -1.61
N LYS A 4 4.84 -5.35 -1.85
CA LYS A 4 5.49 -4.13 -2.43
C LYS A 4 5.96 -4.60 -3.83
N ARG A 5 6.72 -3.79 -4.54
CA ARG A 5 7.27 -4.11 -5.93
C ARG A 5 6.16 -4.08 -6.99
N ASN A 6 5.18 -4.87 -6.69
CA ASN A 6 3.94 -5.10 -7.44
C ASN A 6 3.03 -4.40 -6.48
N TRP A 7 2.01 -3.79 -6.99
CA TRP A 7 1.10 -3.08 -6.08
C TRP A 7 -0.28 -3.66 -5.93
N CYS A 8 -0.95 -2.95 -5.08
CA CYS A 8 -2.36 -3.24 -4.69
C CYS A 8 -3.25 -2.26 -5.42
N GLY A 9 -2.68 -1.16 -5.83
CA GLY A 9 -3.44 -0.12 -6.57
C GLY A 9 -4.03 0.82 -5.54
N LYS A 10 -4.75 0.20 -4.65
CA LYS A 10 -5.46 0.87 -3.53
C LYS A 10 -5.23 0.07 -2.27
N ASN A 11 -5.86 0.52 -1.22
CA ASN A 11 -5.70 -0.21 0.07
C ASN A 11 -6.61 -1.45 0.01
N GLU A 12 -6.50 -2.28 -1.00
CA GLU A 12 -7.41 -3.49 -1.02
C GLU A 12 -6.69 -4.85 -0.91
N ASP A 13 -5.71 -5.15 -1.73
CA ASP A 13 -5.01 -6.49 -1.62
C ASP A 13 -3.60 -6.53 -0.99
N CYS A 14 -3.29 -5.69 -0.04
CA CYS A 14 -1.92 -5.74 0.56
C CYS A 14 -1.78 -6.83 1.63
N CYS A 15 -0.55 -7.04 2.00
CA CYS A 15 -0.12 -8.03 3.02
C CYS A 15 0.44 -7.08 4.08
N CYS A 16 -0.47 -6.61 4.90
CA CYS A 16 -0.12 -5.66 6.00
C CYS A 16 1.23 -5.95 6.68
N PRO A 17 1.91 -4.90 7.11
CA PRO A 17 1.46 -3.48 7.22
C PRO A 17 1.84 -2.50 6.12
N MET A 18 0.96 -2.44 5.18
CA MET A 18 1.18 -1.53 4.04
C MET A 18 -0.07 -0.83 3.63
N LYS A 19 0.18 0.29 3.04
CA LYS A 19 -0.93 1.15 2.53
C LYS A 19 -0.59 1.24 1.04
N CYS A 20 -1.52 1.27 0.11
CA CYS A 20 -1.00 1.34 -1.27
C CYS A 20 -0.62 2.81 -1.45
N ILE A 21 0.57 3.02 -1.93
CA ILE A 21 1.12 4.38 -2.16
C ILE A 21 1.02 4.89 -3.53
N TYR A 22 1.05 6.19 -3.51
CA TYR A 22 0.92 7.03 -4.72
C TYR A 22 2.12 7.86 -5.16
N ALA A 23 3.02 8.22 -4.26
CA ALA A 23 4.20 9.06 -4.68
C ALA A 23 3.66 10.22 -5.54
N TRP A 24 2.60 10.76 -5.01
CA TRP A 24 1.82 11.90 -5.58
C TRP A 24 0.96 11.42 -6.75
N TYR A 25 1.53 10.60 -7.60
CA TYR A 25 0.81 10.05 -8.79
C TYR A 25 -0.68 9.72 -8.59
N ASN A 26 -1.43 9.99 -9.62
CA ASN A 26 -2.90 9.74 -9.61
C ASN A 26 -3.20 8.60 -10.60
N GLN A 27 -2.46 7.53 -10.45
CA GLN A 27 -2.65 6.35 -11.34
C GLN A 27 -2.17 5.06 -10.64
N GLN A 28 -3.07 4.38 -9.96
CA GLN A 28 -2.75 3.10 -9.23
C GLN A 28 -2.13 3.47 -7.89
N GLY A 29 -1.60 2.49 -7.22
CA GLY A 29 -0.96 2.70 -5.89
C GLY A 29 0.20 1.72 -5.78
N SER A 30 0.80 1.65 -4.62
CA SER A 30 1.94 0.72 -4.38
C SER A 30 2.01 0.24 -2.94
N CYS A 31 1.77 -1.02 -2.71
CA CYS A 31 1.82 -1.57 -1.32
C CYS A 31 3.11 -1.11 -0.63
N GLN A 32 3.03 -0.07 0.17
CA GLN A 32 4.24 0.42 0.86
C GLN A 32 4.03 0.46 2.34
N THR A 33 5.09 0.18 3.04
CA THR A 33 4.99 0.18 4.51
C THR A 33 5.02 1.55 5.15
N THR A 34 4.24 2.45 4.66
CA THR A 34 4.29 3.78 5.30
C THR A 34 3.05 4.55 4.99
N ILE A 35 3.05 5.76 5.49
CA ILE A 35 1.96 6.78 5.37
C ILE A 35 0.91 6.32 6.39
N THR A 36 0.57 5.07 6.27
CA THR A 36 -0.44 4.40 7.15
C THR A 36 0.07 2.95 7.26
N GLY A 37 1.36 2.76 7.26
CA GLY A 37 1.89 1.35 7.36
C GLY A 37 2.55 1.09 8.69
N LEU A 38 2.03 1.79 9.65
CA LEU A 38 2.53 1.68 11.04
C LEU A 38 1.30 1.54 11.96
N PHE A 39 0.41 2.49 11.85
CA PHE A 39 -0.83 2.47 12.68
C PHE A 39 -1.95 1.84 11.82
N LYS A 40 -1.76 0.58 11.55
CA LYS A 40 -2.75 -0.18 10.73
C LYS A 40 -3.48 -1.21 11.62
N LYS A 41 -4.70 -1.56 11.27
CA LYS A 41 -5.44 -2.55 12.10
C LYS A 41 -5.85 -3.79 11.29
N CYS A 42 -4.85 -4.56 11.03
CA CYS A 42 -4.93 -5.82 10.27
C CYS A 42 -4.30 -6.81 11.26
N CYS A 1 -3.36 -9.34 0.10
CA CYS A 1 -1.89 -9.49 0.31
C CYS A 1 -1.00 -9.34 -0.93
N ALA A 2 -0.52 -8.16 -1.16
CA ALA A 2 0.36 -7.87 -2.31
C ALA A 2 1.61 -7.36 -1.57
N LYS A 3 2.67 -7.11 -2.28
CA LYS A 3 3.90 -6.61 -1.59
C LYS A 3 4.37 -5.41 -2.42
N LYS A 4 5.28 -4.64 -1.87
CA LYS A 4 5.78 -3.45 -2.61
C LYS A 4 6.27 -3.90 -4.03
N ARG A 5 6.46 -3.01 -4.97
CA ARG A 5 6.93 -3.36 -6.37
C ARG A 5 5.73 -3.91 -7.18
N ASN A 6 4.97 -4.80 -6.61
CA ASN A 6 3.77 -5.39 -7.31
C ASN A 6 2.59 -5.10 -6.41
N TRP A 7 2.24 -3.86 -6.54
CA TRP A 7 1.13 -3.27 -5.78
C TRP A 7 -0.26 -3.90 -5.89
N CYS A 8 -1.09 -3.20 -5.17
CA CYS A 8 -2.54 -3.51 -5.01
C CYS A 8 -3.45 -2.58 -5.84
N GLY A 9 -3.09 -1.33 -5.83
CA GLY A 9 -3.86 -0.29 -6.58
C GLY A 9 -4.19 0.63 -5.41
N LYS A 10 -4.83 0.05 -4.43
CA LYS A 10 -5.21 0.78 -3.21
C LYS A 10 -5.05 -0.34 -2.20
N ASN A 11 -4.80 0.02 -0.98
CA ASN A 11 -4.61 -0.96 0.12
C ASN A 11 -5.43 -2.28 0.04
N GLU A 12 -6.58 -2.26 -0.60
CA GLU A 12 -7.45 -3.49 -0.71
C GLU A 12 -6.80 -4.88 -0.52
N ASP A 13 -6.07 -5.34 -1.50
CA ASP A 13 -5.42 -6.69 -1.38
C ASP A 13 -3.93 -6.60 -1.03
N CYS A 14 -3.57 -5.64 -0.23
CA CYS A 14 -2.12 -5.56 0.12
C CYS A 14 -1.93 -6.55 1.27
N CYS A 15 -0.69 -6.76 1.61
CA CYS A 15 -0.34 -7.70 2.70
C CYS A 15 0.23 -6.86 3.82
N CYS A 16 -0.64 -6.49 4.71
CA CYS A 16 -0.22 -5.66 5.88
C CYS A 16 1.12 -6.10 6.52
N PRO A 17 1.76 -5.18 7.19
CA PRO A 17 1.30 -3.82 7.53
C PRO A 17 1.88 -2.69 6.71
N MET A 18 1.30 -2.62 5.57
CA MET A 18 1.62 -1.64 4.53
C MET A 18 0.31 -1.14 3.99
N LYS A 19 0.45 -0.02 3.35
CA LYS A 19 -0.75 0.61 2.73
C LYS A 19 -0.33 0.87 1.29
N CYS A 20 -1.20 0.77 0.32
CA CYS A 20 -0.73 1.05 -1.07
C CYS A 20 -0.54 2.59 -1.00
N ILE A 21 0.65 3.02 -1.35
CA ILE A 21 1.06 4.47 -1.34
C ILE A 21 0.80 5.13 -2.68
N TYR A 22 0.98 6.43 -2.71
CA TYR A 22 0.75 7.21 -3.97
C TYR A 22 1.85 8.24 -4.25
N ALA A 23 1.86 8.70 -5.47
CA ALA A 23 2.86 9.70 -5.93
C ALA A 23 2.09 10.66 -6.86
N TRP A 24 2.57 11.86 -6.99
CA TRP A 24 1.92 12.89 -7.87
C TRP A 24 1.29 12.26 -9.15
N TYR A 25 2.05 11.39 -9.78
CA TYR A 25 1.59 10.69 -11.04
C TYR A 25 0.20 10.02 -10.98
N ASN A 26 -0.38 9.96 -9.82
CA ASN A 26 -1.72 9.35 -9.56
C ASN A 26 -2.10 8.19 -10.53
N GLN A 27 -1.26 7.21 -10.55
CA GLN A 27 -1.47 6.01 -11.42
C GLN A 27 -1.47 4.80 -10.47
N GLN A 28 -2.58 4.61 -9.80
CA GLN A 28 -2.75 3.49 -8.84
C GLN A 28 -1.89 3.77 -7.61
N GLY A 29 -1.74 2.79 -6.75
CA GLY A 29 -0.92 3.00 -5.53
C GLY A 29 -0.08 1.75 -5.27
N SER A 30 1.00 1.93 -4.56
CA SER A 30 1.91 0.78 -4.25
C SER A 30 2.22 0.43 -2.79
N CYS A 31 1.92 -0.78 -2.41
CA CYS A 31 2.16 -1.31 -1.03
C CYS A 31 3.46 -0.84 -0.36
N GLN A 32 3.41 0.06 0.59
CA GLN A 32 4.66 0.51 1.27
C GLN A 32 4.34 0.43 2.73
N THR A 33 5.36 0.30 3.52
CA THR A 33 5.09 0.20 4.96
C THR A 33 4.82 1.51 5.68
N THR A 34 3.94 2.30 5.15
CA THR A 34 3.70 3.58 5.86
C THR A 34 2.34 4.11 5.56
N ILE A 35 2.08 5.27 6.13
CA ILE A 35 0.82 6.08 6.06
C ILE A 35 -0.17 5.27 6.92
N THR A 36 -0.25 3.99 6.68
CA THR A 36 -1.15 3.08 7.44
C THR A 36 -0.35 1.76 7.49
N GLY A 37 0.95 1.91 7.56
CA GLY A 37 1.86 0.72 7.63
C GLY A 37 2.46 0.56 9.01
N LEU A 38 2.44 1.64 9.70
CA LEU A 38 3.01 1.66 11.07
C LEU A 38 1.83 1.51 12.03
N PHE A 39 0.91 2.44 11.92
CA PHE A 39 -0.31 2.43 12.79
C PHE A 39 -1.50 1.98 11.93
N LYS A 40 -1.70 0.69 11.84
CA LYS A 40 -2.85 0.15 11.03
C LYS A 40 -3.52 -0.90 11.92
N LYS A 41 -4.65 -1.40 11.49
CA LYS A 41 -5.36 -2.43 12.30
C LYS A 41 -5.55 -3.67 11.41
N CYS A 42 -4.49 -4.41 11.21
CA CYS A 42 -4.55 -5.63 10.37
C CYS A 42 -3.72 -6.60 11.23
N CYS A 1 -3.25 -8.75 0.28
CA CYS A 1 -1.88 -8.99 0.80
C CYS A 1 -0.83 -9.04 -0.33
N ALA A 2 -0.21 -7.92 -0.56
CA ALA A 2 0.84 -7.81 -1.62
C ALA A 2 2.17 -7.72 -0.83
N LYS A 3 3.31 -7.82 -1.46
CA LYS A 3 4.60 -7.75 -0.66
C LYS A 3 5.48 -6.59 -1.16
N LYS A 4 4.78 -5.60 -1.64
CA LYS A 4 5.37 -4.35 -2.21
C LYS A 4 5.87 -4.78 -3.62
N ARG A 5 6.52 -3.87 -4.33
CA ARG A 5 7.08 -4.14 -5.71
C ARG A 5 5.95 -4.16 -6.73
N ASN A 6 5.03 -5.04 -6.50
CA ASN A 6 3.85 -5.18 -7.40
C ASN A 6 2.93 -4.33 -6.55
N TRP A 7 2.16 -3.46 -7.13
CA TRP A 7 1.30 -2.68 -6.22
C TRP A 7 -0.04 -3.36 -6.09
N CYS A 8 -0.78 -2.79 -5.21
CA CYS A 8 -2.16 -3.24 -4.87
C CYS A 8 -3.14 -2.29 -5.56
N GLY A 9 -2.61 -1.21 -6.07
CA GLY A 9 -3.46 -0.20 -6.78
C GLY A 9 -4.01 0.67 -5.65
N LYS A 10 -4.72 0.03 -4.75
CA LYS A 10 -5.34 0.68 -3.56
C LYS A 10 -5.07 -0.33 -2.47
N ASN A 11 -5.06 0.12 -1.23
CA ASN A 11 -4.81 -0.82 -0.08
C ASN A 11 -5.55 -2.16 -0.27
N GLU A 12 -6.59 -2.13 -1.07
CA GLU A 12 -7.43 -3.35 -1.37
C GLU A 12 -6.77 -4.73 -1.18
N ASP A 13 -5.76 -5.06 -1.96
CA ASP A 13 -5.10 -6.40 -1.82
C ASP A 13 -3.69 -6.27 -1.23
N CYS A 14 -3.48 -5.31 -0.38
CA CYS A 14 -2.12 -5.16 0.22
C CYS A 14 -2.05 -6.01 1.48
N CYS A 15 -0.83 -6.19 1.92
CA CYS A 15 -0.57 -7.01 3.15
C CYS A 15 -0.08 -6.12 4.26
N CYS A 16 -0.88 -6.06 5.28
CA CYS A 16 -0.53 -5.24 6.46
C CYS A 16 0.90 -5.47 6.99
N PRO A 17 1.44 -4.47 7.65
CA PRO A 17 0.92 -3.06 7.75
C PRO A 17 1.43 -2.27 6.55
N MET A 18 0.55 -2.17 5.60
CA MET A 18 0.91 -1.44 4.36
C MET A 18 -0.31 -0.77 3.78
N LYS A 19 -0.03 0.29 3.09
CA LYS A 19 -1.14 1.06 2.43
C LYS A 19 -0.67 1.11 0.99
N CYS A 20 -1.57 1.32 0.06
CA CYS A 20 -1.04 1.39 -1.32
C CYS A 20 -0.69 2.88 -1.38
N ILE A 21 0.48 3.17 -1.90
CA ILE A 21 0.98 4.57 -2.01
C ILE A 21 0.71 5.05 -3.41
N TYR A 22 0.82 6.34 -3.56
CA TYR A 22 0.59 7.01 -4.87
C TYR A 22 1.79 7.90 -5.27
N ALA A 23 2.02 8.94 -4.50
CA ALA A 23 3.12 9.95 -4.68
C ALA A 23 2.61 11.07 -5.59
N TRP A 24 3.47 11.58 -6.44
CA TRP A 24 3.04 12.68 -7.35
C TRP A 24 2.14 12.06 -8.44
N TYR A 25 2.38 10.81 -8.69
CA TYR A 25 1.61 10.03 -9.70
C TYR A 25 0.09 10.21 -9.64
N ASN A 26 -0.52 9.99 -10.78
CA ASN A 26 -1.99 10.11 -10.93
C ASN A 26 -2.52 8.73 -11.35
N GLN A 27 -3.19 8.05 -10.45
CA GLN A 27 -3.78 6.68 -10.66
C GLN A 27 -2.70 5.65 -10.28
N GLN A 28 -3.11 4.44 -9.99
CA GLN A 28 -2.20 3.30 -9.61
C GLN A 28 -1.80 3.42 -8.15
N GLY A 29 -1.24 2.38 -7.57
CA GLY A 29 -0.81 2.42 -6.13
C GLY A 29 0.57 1.80 -5.87
N SER A 30 0.72 1.18 -4.71
CA SER A 30 1.99 0.49 -4.27
C SER A 30 1.98 0.23 -2.77
N CYS A 31 1.81 -1.02 -2.48
CA CYS A 31 1.76 -1.54 -1.09
C CYS A 31 3.11 -1.11 -0.46
N GLN A 32 3.14 -0.02 0.26
CA GLN A 32 4.45 0.39 0.87
C GLN A 32 4.11 0.57 2.31
N THR A 33 5.09 0.36 3.11
CA THR A 33 4.81 0.50 4.55
C THR A 33 4.75 1.91 5.07
N THR A 34 3.88 2.67 4.48
CA THR A 34 3.78 4.04 4.98
C THR A 34 2.42 4.63 4.87
N ILE A 35 2.29 5.67 5.64
CA ILE A 35 1.07 6.52 5.81
C ILE A 35 0.15 5.68 6.71
N THR A 36 -0.07 4.46 6.32
CA THR A 36 -0.94 3.53 7.12
C THR A 36 -0.18 2.20 7.13
N GLY A 37 1.12 2.28 7.09
CA GLY A 37 1.93 1.02 7.09
C GLY A 37 2.65 0.81 8.40
N LEU A 38 2.02 1.30 9.42
CA LEU A 38 2.63 1.18 10.78
C LEU A 38 1.58 0.86 11.85
N PHE A 39 0.56 1.66 11.89
CA PHE A 39 -0.51 1.46 12.90
C PHE A 39 -1.71 0.76 12.25
N LYS A 40 -1.44 -0.36 11.64
CA LYS A 40 -2.55 -1.11 10.99
C LYS A 40 -2.81 -2.31 11.90
N LYS A 41 -3.85 -2.17 12.68
CA LYS A 41 -4.20 -3.28 13.61
C LYS A 41 -4.86 -4.37 12.76
N CYS A 42 -3.99 -5.17 12.22
CA CYS A 42 -4.35 -6.32 11.34
C CYS A 42 -3.72 -7.55 12.02
N CYS A 1 -2.55 -10.84 0.57
CA CYS A 1 -1.10 -10.61 0.76
C CYS A 1 -0.39 -10.29 -0.56
N ALA A 2 0.32 -9.19 -0.59
CA ALA A 2 1.09 -8.73 -1.80
C ALA A 2 2.48 -8.31 -1.27
N LYS A 3 3.36 -7.84 -2.11
CA LYS A 3 4.70 -7.42 -1.60
C LYS A 3 5.04 -6.07 -2.20
N LYS A 4 5.94 -5.36 -1.57
CA LYS A 4 6.28 -4.03 -2.15
C LYS A 4 7.00 -4.37 -3.48
N ARG A 5 6.67 -3.66 -4.52
CA ARG A 5 7.24 -3.79 -5.93
C ARG A 5 6.02 -3.78 -6.85
N ASN A 6 4.98 -4.43 -6.43
CA ASN A 6 3.73 -4.49 -7.24
C ASN A 6 2.77 -3.73 -6.38
N TRP A 7 1.69 -3.35 -6.98
CA TRP A 7 0.72 -2.61 -6.18
C TRP A 7 -0.64 -3.21 -6.09
N CYS A 8 -1.37 -2.53 -5.25
CA CYS A 8 -2.79 -2.84 -4.92
C CYS A 8 -3.66 -1.78 -5.62
N GLY A 9 -3.04 -0.71 -6.06
CA GLY A 9 -3.81 0.38 -6.75
C GLY A 9 -4.34 1.32 -5.68
N LYS A 10 -4.97 0.70 -4.74
CA LYS A 10 -5.62 1.32 -3.56
C LYS A 10 -5.46 0.25 -2.49
N ASN A 11 -5.53 0.65 -1.25
CA ASN A 11 -5.39 -0.29 -0.09
C ASN A 11 -5.79 -1.77 -0.29
N GLU A 12 -6.71 -2.05 -1.19
CA GLU A 12 -7.23 -3.42 -1.52
C GLU A 12 -6.65 -4.54 -0.61
N ASP A 13 -5.82 -5.40 -1.15
CA ASP A 13 -5.19 -6.51 -0.33
C ASP A 13 -3.66 -6.39 -0.47
N CYS A 14 -3.01 -6.72 0.60
CA CYS A 14 -1.53 -6.70 0.70
C CYS A 14 -1.18 -7.57 1.86
N CYS A 15 0.09 -7.71 2.06
CA CYS A 15 0.58 -8.55 3.18
C CYS A 15 0.90 -7.56 4.29
N CYS A 16 -0.13 -7.31 5.06
CA CYS A 16 -0.03 -6.37 6.20
C CYS A 16 1.29 -6.49 6.95
N PRO A 17 1.79 -5.35 7.36
CA PRO A 17 1.14 -4.02 7.26
C PRO A 17 1.43 -3.52 5.84
N MET A 18 0.47 -2.79 5.34
CA MET A 18 0.50 -2.19 3.99
C MET A 18 -0.52 -1.09 3.86
N LYS A 19 -0.26 -0.30 2.87
CA LYS A 19 -1.11 0.84 2.51
C LYS A 19 -0.82 0.92 1.00
N CYS A 20 -1.69 1.44 0.18
CA CYS A 20 -1.31 1.49 -1.25
C CYS A 20 -0.88 2.94 -1.26
N ILE A 21 0.32 3.12 -1.73
CA ILE A 21 0.95 4.48 -1.81
C ILE A 21 0.89 5.07 -3.21
N TYR A 22 1.06 6.36 -3.26
CA TYR A 22 1.01 7.11 -4.53
C TYR A 22 2.26 8.00 -4.63
N ALA A 23 2.55 8.38 -5.85
CA ALA A 23 3.72 9.25 -6.18
C ALA A 23 3.17 10.25 -7.20
N TRP A 24 3.97 11.19 -7.61
CA TRP A 24 3.46 12.17 -8.62
C TRP A 24 3.05 11.32 -9.85
N TYR A 25 1.79 11.36 -10.20
CA TYR A 25 1.27 10.58 -11.36
C TYR A 25 -0.25 10.70 -11.43
N ASN A 26 -0.89 10.39 -10.33
CA ASN A 26 -2.39 10.44 -10.15
C ASN A 26 -2.79 9.45 -9.06
N GLN A 27 -3.24 8.26 -9.38
CA GLN A 27 -3.66 7.27 -8.34
C GLN A 27 -3.10 5.85 -8.55
N GLN A 28 -1.80 5.73 -8.64
CA GLN A 28 -1.21 4.37 -8.84
C GLN A 28 -0.95 3.98 -7.40
N GLY A 29 -1.25 2.76 -7.03
CA GLY A 29 -0.99 2.39 -5.61
C GLY A 29 0.29 1.59 -5.53
N SER A 30 0.62 1.06 -4.38
CA SER A 30 1.88 0.23 -4.28
C SER A 30 1.88 -0.37 -2.89
N CYS A 31 2.17 -1.64 -2.80
CA CYS A 31 2.19 -2.31 -1.46
C CYS A 31 3.36 -1.70 -0.64
N GLN A 32 3.11 -0.56 -0.04
CA GLN A 32 4.13 0.15 0.77
C GLN A 32 3.39 0.55 2.06
N THR A 33 3.80 -0.09 3.12
CA THR A 33 3.16 0.17 4.44
C THR A 33 3.61 1.43 5.22
N THR A 34 3.43 2.56 4.58
CA THR A 34 3.81 3.85 5.23
C THR A 34 2.74 4.89 5.07
N ILE A 35 3.01 6.00 5.71
CA ILE A 35 2.17 7.23 5.78
C ILE A 35 1.13 6.86 6.84
N THR A 36 0.49 5.74 6.61
CA THR A 36 -0.54 5.23 7.54
C THR A 36 -0.40 3.70 7.58
N GLY A 37 0.78 3.19 7.31
CA GLY A 37 0.99 1.71 7.34
C GLY A 37 1.69 1.30 8.61
N LEU A 38 1.27 1.94 9.68
CA LEU A 38 1.84 1.67 11.02
C LEU A 38 0.79 1.43 12.12
N PHE A 39 -0.04 2.41 12.39
CA PHE A 39 -1.09 2.26 13.45
C PHE A 39 -2.37 1.70 12.81
N LYS A 40 -2.15 0.73 11.99
CA LYS A 40 -3.26 0.05 11.25
C LYS A 40 -3.06 -1.44 11.45
N LYS A 41 -3.65 -2.01 12.47
CA LYS A 41 -3.44 -3.48 12.65
C LYS A 41 -4.20 -4.18 11.50
N CYS A 42 -4.02 -5.46 11.39
CA CYS A 42 -4.69 -6.26 10.32
C CYS A 42 -5.50 -7.31 11.13
N CYS A 1 -3.32 -8.83 -0.58
CA CYS A 1 -2.01 -9.18 0.02
C CYS A 1 -0.94 -9.10 -1.07
N ALA A 2 -0.29 -7.97 -1.15
CA ALA A 2 0.79 -7.76 -2.16
C ALA A 2 2.07 -7.67 -1.31
N LYS A 3 3.23 -7.85 -1.92
CA LYS A 3 4.49 -7.77 -1.10
C LYS A 3 5.38 -6.66 -1.64
N LYS A 4 4.76 -5.50 -1.75
CA LYS A 4 5.50 -4.29 -2.28
C LYS A 4 6.02 -4.76 -3.67
N ARG A 5 6.95 -4.06 -4.31
CA ARG A 5 7.52 -4.46 -5.66
C ARG A 5 6.57 -4.30 -6.84
N ASN A 6 5.38 -4.73 -6.60
CA ASN A 6 4.20 -4.75 -7.47
C ASN A 6 3.29 -3.98 -6.54
N TRP A 7 2.38 -3.24 -7.08
CA TRP A 7 1.51 -2.49 -6.16
C TRP A 7 0.13 -3.10 -6.12
N CYS A 8 -0.58 -2.57 -5.18
CA CYS A 8 -1.97 -2.98 -4.93
C CYS A 8 -2.78 -1.89 -5.66
N GLY A 9 -2.12 -0.77 -5.86
CA GLY A 9 -2.73 0.40 -6.56
C GLY A 9 -3.34 1.25 -5.48
N LYS A 10 -4.13 0.56 -4.71
CA LYS A 10 -4.86 1.16 -3.57
C LYS A 10 -4.59 0.27 -2.39
N ASN A 11 -4.86 0.74 -1.20
CA ASN A 11 -4.58 -0.16 -0.07
C ASN A 11 -5.66 -1.27 -0.02
N GLU A 12 -6.30 -1.58 -1.13
CA GLU A 12 -7.34 -2.66 -1.07
C GLU A 12 -6.76 -4.05 -0.80
N ASP A 13 -5.93 -4.58 -1.67
CA ASP A 13 -5.37 -5.94 -1.39
C ASP A 13 -3.85 -5.99 -1.13
N CYS A 14 -3.41 -5.27 -0.13
CA CYS A 14 -1.96 -5.24 0.22
C CYS A 14 -1.80 -6.26 1.36
N CYS A 15 -0.59 -6.71 1.60
CA CYS A 15 -0.34 -7.71 2.70
C CYS A 15 0.31 -6.94 3.84
N CYS A 16 -0.58 -6.38 4.61
CA CYS A 16 -0.22 -5.55 5.79
C CYS A 16 0.96 -5.96 6.68
N PRO A 17 1.46 -4.96 7.40
CA PRO A 17 0.91 -3.58 7.57
C PRO A 17 1.51 -2.54 6.65
N MET A 18 0.84 -2.42 5.56
CA MET A 18 1.17 -1.51 4.46
C MET A 18 -0.09 -0.89 3.92
N LYS A 19 0.20 0.17 3.23
CA LYS A 19 -0.87 0.98 2.57
C LYS A 19 -0.30 1.17 1.16
N CYS A 20 -1.09 1.25 0.12
CA CYS A 20 -0.43 1.44 -1.19
C CYS A 20 -0.10 2.94 -1.24
N ILE A 21 1.14 3.20 -1.57
CA ILE A 21 1.68 4.58 -1.65
C ILE A 21 1.59 5.03 -3.08
N TYR A 22 1.65 6.32 -3.22
CA TYR A 22 1.56 6.95 -4.55
C TYR A 22 2.75 7.89 -4.78
N ALA A 23 2.88 8.31 -6.00
CA ALA A 23 3.97 9.23 -6.39
C ALA A 23 3.26 10.50 -6.86
N TRP A 24 2.54 10.39 -7.94
CA TRP A 24 1.80 11.55 -8.51
C TRP A 24 0.45 11.05 -9.08
N TYR A 25 0.53 10.19 -10.07
CA TYR A 25 -0.66 9.58 -10.77
C TYR A 25 -2.02 9.55 -10.05
N ASN A 26 -2.03 9.20 -8.79
CA ASN A 26 -3.30 9.12 -7.98
C ASN A 26 -4.27 8.04 -8.54
N GLN A 27 -3.78 7.35 -9.54
CA GLN A 27 -4.57 6.27 -10.21
C GLN A 27 -4.09 4.89 -9.69
N GLN A 28 -2.80 4.78 -9.54
CA GLN A 28 -2.18 3.51 -9.03
C GLN A 28 -1.41 3.77 -7.73
N GLY A 29 -0.60 2.82 -7.33
CA GLY A 29 0.19 2.99 -6.06
C GLY A 29 1.38 2.07 -5.74
N SER A 30 1.36 1.45 -4.57
CA SER A 30 2.44 0.51 -4.10
C SER A 30 2.43 0.15 -2.59
N CYS A 31 2.00 -1.05 -2.33
CA CYS A 31 1.91 -1.65 -0.95
C CYS A 31 3.20 -1.25 -0.20
N GLN A 32 3.21 -0.18 0.54
CA GLN A 32 4.46 0.21 1.26
C GLN A 32 4.11 0.22 2.70
N THR A 33 5.13 0.03 3.49
CA THR A 33 4.89 0.02 4.92
C THR A 33 4.83 1.41 5.50
N THR A 34 3.93 2.19 4.99
CA THR A 34 3.89 3.53 5.58
C THR A 34 2.57 4.20 5.42
N ILE A 35 2.52 5.36 6.02
CA ILE A 35 1.40 6.33 6.12
C ILE A 35 0.42 5.69 7.12
N THR A 36 0.13 4.45 6.85
CA THR A 36 -0.77 3.63 7.68
C THR A 36 -0.21 2.21 7.51
N GLY A 37 1.09 2.11 7.55
CA GLY A 37 1.74 0.78 7.40
C GLY A 37 2.38 0.37 8.71
N LEU A 38 1.63 0.64 9.74
CA LEU A 38 2.07 0.31 11.11
C LEU A 38 0.86 0.29 12.04
N PHE A 39 0.29 1.45 12.18
CA PHE A 39 -0.92 1.66 13.05
C PHE A 39 -2.17 1.66 12.17
N LYS A 40 -2.25 0.62 11.39
CA LYS A 40 -3.40 0.45 10.46
C LYS A 40 -4.58 -0.19 11.17
N LYS A 41 -4.30 -1.39 11.62
CA LYS A 41 -5.22 -2.30 12.36
C LYS A 41 -5.42 -3.49 11.39
N CYS A 42 -4.41 -4.30 11.32
CA CYS A 42 -4.40 -5.51 10.46
C CYS A 42 -3.65 -6.43 11.42
N CYS A 1 -2.59 -10.39 -0.01
CA CYS A 1 -1.27 -10.11 0.63
C CYS A 1 -0.33 -9.84 -0.56
N ALA A 2 0.48 -8.81 -0.46
CA ALA A 2 1.43 -8.46 -1.55
C ALA A 2 2.83 -8.32 -0.93
N LYS A 3 3.81 -7.94 -1.71
CA LYS A 3 5.18 -7.81 -1.13
C LYS A 3 5.87 -6.58 -1.72
N LYS A 4 5.09 -5.54 -1.79
CA LYS A 4 5.60 -4.24 -2.34
C LYS A 4 5.96 -4.45 -3.82
N ARG A 5 6.37 -3.39 -4.48
CA ARG A 5 6.76 -3.40 -5.94
C ARG A 5 5.51 -3.57 -6.82
N ASN A 6 4.80 -4.64 -6.64
CA ASN A 6 3.57 -4.85 -7.46
C ASN A 6 2.59 -4.14 -6.59
N TRP A 7 1.55 -3.64 -7.19
CA TRP A 7 0.60 -2.92 -6.35
C TRP A 7 -0.78 -3.53 -6.23
N CYS A 8 -1.42 -2.86 -5.33
CA CYS A 8 -2.81 -3.15 -4.93
C CYS A 8 -3.74 -2.15 -5.61
N GLY A 9 -3.15 -1.08 -6.09
CA GLY A 9 -3.93 -0.01 -6.79
C GLY A 9 -4.34 0.89 -5.64
N LYS A 10 -5.07 0.28 -4.74
CA LYS A 10 -5.59 0.96 -3.53
C LYS A 10 -5.29 0.05 -2.34
N ASN A 11 -5.74 0.41 -1.17
CA ASN A 11 -5.48 -0.44 0.05
C ASN A 11 -6.29 -1.79 0.00
N GLU A 12 -6.49 -2.37 -1.17
CA GLU A 12 -7.27 -3.65 -1.30
C GLU A 12 -6.48 -4.93 -0.99
N ASP A 13 -5.45 -5.26 -1.74
CA ASP A 13 -4.70 -6.51 -1.40
C ASP A 13 -3.21 -6.31 -1.14
N CYS A 14 -2.88 -6.31 0.11
CA CYS A 14 -1.46 -6.12 0.53
C CYS A 14 -1.21 -7.01 1.74
N CYS A 15 0.03 -7.23 2.05
CA CYS A 15 0.40 -8.09 3.20
C CYS A 15 0.76 -7.15 4.34
N CYS A 16 -0.27 -6.86 5.08
CA CYS A 16 -0.15 -5.96 6.24
C CYS A 16 1.15 -6.14 7.08
N PRO A 17 1.64 -5.02 7.56
CA PRO A 17 1.03 -3.67 7.42
C PRO A 17 1.36 -3.19 6.01
N MET A 18 0.43 -2.50 5.42
CA MET A 18 0.58 -1.96 4.04
C MET A 18 -0.47 -0.88 3.86
N LYS A 19 -0.28 -0.19 2.79
CA LYS A 19 -1.15 0.91 2.34
C LYS A 19 -0.73 0.92 0.88
N CYS A 20 -1.62 1.21 -0.04
CA CYS A 20 -1.12 1.20 -1.43
C CYS A 20 -0.61 2.63 -1.58
N ILE A 21 0.50 2.79 -2.23
CA ILE A 21 1.04 4.15 -2.39
C ILE A 21 1.01 4.69 -3.79
N TYR A 22 0.71 5.95 -3.71
CA TYR A 22 0.54 6.87 -4.83
C TYR A 22 1.83 7.64 -5.08
N ALA A 23 2.72 7.61 -4.11
CA ALA A 23 4.04 8.33 -4.22
C ALA A 23 3.79 9.73 -4.77
N TRP A 24 2.70 10.29 -4.28
CA TRP A 24 2.18 11.66 -4.63
C TRP A 24 1.28 11.44 -5.86
N TYR A 25 1.84 10.76 -6.82
CA TYR A 25 1.15 10.43 -8.10
C TYR A 25 -0.32 10.02 -7.96
N ASN A 26 -1.06 10.38 -8.98
CA ASN A 26 -2.52 10.06 -8.99
C ASN A 26 -2.81 9.16 -10.20
N GLN A 27 -2.33 7.94 -10.11
CA GLN A 27 -2.55 6.95 -11.22
C GLN A 27 -3.02 5.60 -10.64
N GLN A 28 -2.12 4.91 -10.00
CA GLN A 28 -2.39 3.58 -9.37
C GLN A 28 -1.74 3.63 -7.99
N GLY A 29 -1.60 2.50 -7.34
CA GLY A 29 -0.97 2.50 -5.98
C GLY A 29 0.26 1.59 -5.91
N SER A 30 0.60 1.17 -4.72
CA SER A 30 1.78 0.27 -4.50
C SER A 30 1.80 -0.24 -3.08
N CYS A 31 1.69 -1.54 -2.91
CA CYS A 31 1.70 -2.17 -1.56
C CYS A 31 2.91 -1.72 -0.74
N GLN A 32 2.76 -0.59 -0.11
CA GLN A 32 3.82 0.02 0.71
C GLN A 32 3.34 0.46 2.07
N THR A 33 3.85 -0.17 3.11
CA THR A 33 3.40 0.26 4.45
C THR A 33 4.23 1.50 4.82
N THR A 34 3.86 2.58 4.22
CA THR A 34 4.58 3.83 4.53
C THR A 34 3.62 4.98 4.63
N ILE A 35 4.16 6.03 5.18
CA ILE A 35 3.51 7.35 5.45
C ILE A 35 2.50 7.15 6.61
N THR A 36 1.74 6.10 6.49
CA THR A 36 0.72 5.72 7.49
C THR A 36 0.69 4.19 7.54
N GLY A 37 1.84 3.59 7.27
CA GLY A 37 1.91 2.08 7.29
C GLY A 37 1.97 1.49 8.67
N LEU A 38 1.72 2.37 9.59
CA LEU A 38 1.71 2.07 11.03
C LEU A 38 0.33 2.50 11.55
N PHE A 39 -0.48 3.06 10.69
CA PHE A 39 -1.84 3.50 11.13
C PHE A 39 -2.82 2.49 10.54
N LYS A 40 -2.51 1.24 10.76
CA LYS A 40 -3.42 0.18 10.25
C LYS A 40 -3.40 -0.91 11.31
N LYS A 41 -4.41 -1.73 11.31
CA LYS A 41 -4.48 -2.82 12.31
C LYS A 41 -4.87 -4.03 11.48
N CYS A 42 -4.09 -5.06 11.60
CA CYS A 42 -4.31 -6.32 10.87
C CYS A 42 -3.99 -7.37 11.95
N CYS A 1 -3.01 -9.19 0.24
CA CYS A 1 -1.56 -9.32 0.50
C CYS A 1 -0.72 -9.15 -0.77
N ALA A 2 -0.24 -7.96 -0.94
CA ALA A 2 0.62 -7.62 -2.11
C ALA A 2 1.90 -7.07 -1.45
N LYS A 3 2.96 -6.91 -2.20
CA LYS A 3 4.21 -6.37 -1.56
C LYS A 3 4.71 -5.14 -2.31
N LYS A 4 5.47 -4.35 -1.57
CA LYS A 4 6.03 -3.11 -2.17
C LYS A 4 6.66 -3.43 -3.53
N ARG A 5 6.07 -2.92 -4.58
CA ARG A 5 6.51 -3.10 -6.03
C ARG A 5 5.38 -3.65 -6.90
N ASN A 6 4.67 -4.63 -6.41
CA ASN A 6 3.56 -5.22 -7.23
C ASN A 6 2.35 -4.80 -6.46
N TRP A 7 2.09 -3.54 -6.64
CA TRP A 7 0.96 -2.89 -5.99
C TRP A 7 -0.41 -3.60 -6.02
N CYS A 8 -1.23 -2.94 -5.26
CA CYS A 8 -2.66 -3.29 -5.01
C CYS A 8 -3.59 -2.24 -5.66
N GLY A 9 -3.03 -1.11 -5.96
CA GLY A 9 -3.83 -0.01 -6.60
C GLY A 9 -4.27 0.86 -5.44
N LYS A 10 -4.96 0.19 -4.55
CA LYS A 10 -5.50 0.80 -3.34
C LYS A 10 -5.20 -0.28 -2.33
N ASN A 11 -4.93 0.16 -1.14
CA ASN A 11 -4.61 -0.75 0.01
C ASN A 11 -5.32 -2.12 0.00
N GLU A 12 -6.46 -2.11 -0.66
CA GLU A 12 -7.37 -3.28 -0.82
C GLU A 12 -6.75 -4.67 -0.57
N ASP A 13 -5.89 -5.14 -1.45
CA ASP A 13 -5.27 -6.48 -1.24
C ASP A 13 -3.80 -6.39 -0.81
N CYS A 14 -3.45 -5.45 0.02
CA CYS A 14 -2.02 -5.38 0.44
C CYS A 14 -1.77 -6.41 1.53
N CYS A 15 -0.49 -6.55 1.80
CA CYS A 15 0.01 -7.49 2.84
C CYS A 15 0.57 -6.62 3.97
N CYS A 16 -0.22 -6.57 5.00
CA CYS A 16 0.07 -5.79 6.24
C CYS A 16 1.56 -5.86 6.64
N PRO A 17 2.08 -4.84 7.26
CA PRO A 17 1.45 -3.55 7.64
C PRO A 17 1.89 -2.43 6.72
N MET A 18 1.21 -2.38 5.62
CA MET A 18 1.45 -1.38 4.55
C MET A 18 0.13 -0.93 3.99
N LYS A 19 0.27 0.12 3.24
CA LYS A 19 -0.90 0.74 2.55
C LYS A 19 -0.46 0.89 1.11
N CYS A 20 -1.33 0.88 0.12
CA CYS A 20 -0.77 1.04 -1.26
C CYS A 20 -0.56 2.56 -1.31
N ILE A 21 0.60 2.96 -1.75
CA ILE A 21 0.91 4.41 -1.83
C ILE A 21 0.87 4.90 -3.27
N TYR A 22 0.87 6.20 -3.34
CA TYR A 22 0.81 6.94 -4.62
C TYR A 22 2.08 7.77 -4.78
N ALA A 23 2.33 8.24 -5.96
CA ALA A 23 3.54 9.05 -6.24
C ALA A 23 3.06 10.17 -7.15
N TRP A 24 3.97 11.00 -7.62
CA TRP A 24 3.60 12.13 -8.54
C TRP A 24 2.51 11.69 -9.55
N TYR A 25 2.60 10.44 -9.92
CA TYR A 25 1.64 9.79 -10.87
C TYR A 25 0.17 10.11 -10.63
N ASN A 26 -0.62 9.77 -11.61
CA ASN A 26 -2.09 10.02 -11.54
C ASN A 26 -2.83 8.69 -11.47
N GLN A 27 -2.95 8.20 -10.27
CA GLN A 27 -3.64 6.91 -9.90
C GLN A 27 -2.62 5.78 -9.79
N GLN A 28 -3.14 4.62 -9.43
CA GLN A 28 -2.35 3.35 -9.24
C GLN A 28 -1.74 3.47 -7.84
N GLY A 29 -1.46 2.37 -7.18
CA GLY A 29 -0.88 2.45 -5.79
C GLY A 29 0.37 1.60 -5.64
N SER A 30 0.69 1.19 -4.43
CA SER A 30 1.90 0.34 -4.19
C SER A 30 2.19 0.18 -2.70
N CYS A 31 1.93 -0.98 -2.18
CA CYS A 31 2.16 -1.32 -0.74
C CYS A 31 3.42 -0.71 -0.06
N GLN A 32 3.34 0.36 0.69
CA GLN A 32 4.60 0.88 1.32
C GLN A 32 4.24 0.85 2.77
N THR A 33 5.25 0.77 3.59
CA THR A 33 4.93 0.72 5.02
C THR A 33 4.61 2.06 5.66
N THR A 34 3.69 2.77 5.11
CA THR A 34 3.41 4.06 5.77
C THR A 34 1.98 4.48 5.61
N ILE A 35 1.69 5.55 6.34
CA ILE A 35 0.36 6.23 6.44
C ILE A 35 -0.43 5.32 7.39
N THR A 36 -0.43 4.06 7.06
CA THR A 36 -1.13 3.03 7.87
C THR A 36 -0.25 1.79 7.68
N GLY A 37 1.04 2.01 7.62
CA GLY A 37 1.98 0.87 7.44
C GLY A 37 2.82 0.57 8.68
N LEU A 38 2.15 0.74 9.78
CA LEU A 38 2.80 0.48 11.10
C LEU A 38 1.77 0.27 12.21
N PHE A 39 1.06 1.33 12.50
CA PHE A 39 0.00 1.35 13.56
C PHE A 39 -1.33 1.05 12.88
N LYS A 40 -1.35 -0.08 12.24
CA LYS A 40 -2.58 -0.51 11.51
C LYS A 40 -3.28 -1.65 12.24
N LYS A 41 -4.51 -1.81 11.84
CA LYS A 41 -5.41 -2.86 12.38
C LYS A 41 -5.59 -3.73 11.12
N CYS A 42 -4.89 -4.84 11.05
CA CYS A 42 -5.01 -5.75 9.88
C CYS A 42 -5.34 -7.11 10.52
N CYS A 1 -3.47 -9.92 0.18
CA CYS A 1 -2.10 -9.73 0.71
C CYS A 1 -1.13 -9.56 -0.47
N ALA A 2 -0.45 -8.44 -0.55
CA ALA A 2 0.53 -8.20 -1.65
C ALA A 2 1.78 -7.67 -0.94
N LYS A 3 2.87 -7.67 -1.65
CA LYS A 3 4.14 -7.17 -1.03
C LYS A 3 4.64 -5.94 -1.77
N LYS A 4 5.39 -5.13 -1.07
CA LYS A 4 5.91 -3.91 -1.72
C LYS A 4 6.79 -4.35 -2.92
N ARG A 5 6.69 -3.60 -3.99
CA ARG A 5 7.42 -3.77 -5.31
C ARG A 5 6.38 -3.91 -6.44
N ASN A 6 5.37 -4.68 -6.18
CA ASN A 6 4.26 -4.90 -7.18
C ASN A 6 3.23 -4.14 -6.40
N TRP A 7 2.36 -3.46 -7.08
CA TRP A 7 1.40 -2.74 -6.27
C TRP A 7 0.02 -3.31 -6.20
N CYS A 8 -0.63 -2.66 -5.31
CA CYS A 8 -2.03 -2.90 -4.92
C CYS A 8 -2.95 -2.01 -5.75
N GLY A 9 -2.52 -0.80 -5.96
CA GLY A 9 -3.33 0.17 -6.75
C GLY A 9 -4.09 0.95 -5.68
N LYS A 10 -4.70 0.17 -4.83
CA LYS A 10 -5.52 0.64 -3.69
C LYS A 10 -5.18 -0.27 -2.54
N ASN A 11 -5.38 0.25 -1.37
CA ASN A 11 -5.07 -0.59 -0.17
C ASN A 11 -6.19 -1.60 0.12
N GLU A 12 -6.61 -2.29 -0.91
CA GLU A 12 -7.68 -3.31 -0.78
C GLU A 12 -7.02 -4.69 -0.65
N ASP A 13 -6.13 -5.06 -1.54
CA ASP A 13 -5.49 -6.42 -1.40
C ASP A 13 -3.95 -6.38 -1.23
N CYS A 14 -3.57 -5.81 -0.12
CA CYS A 14 -2.12 -5.67 0.26
C CYS A 14 -1.97 -6.56 1.47
N CYS A 15 -0.74 -6.83 1.82
CA CYS A 15 -0.51 -7.70 3.00
C CYS A 15 -0.10 -6.68 4.02
N CYS A 16 -0.90 -6.60 5.03
CA CYS A 16 -0.64 -5.64 6.12
C CYS A 16 0.70 -5.90 6.83
N PRO A 17 1.19 -4.88 7.49
CA PRO A 17 0.63 -3.50 7.57
C PRO A 17 1.27 -2.66 6.46
N MET A 18 0.52 -2.42 5.44
CA MET A 18 1.01 -1.63 4.28
C MET A 18 -0.20 -0.93 3.72
N LYS A 19 0.04 0.18 3.08
CA LYS A 19 -1.13 0.90 2.48
C LYS A 19 -0.70 1.18 1.05
N CYS A 20 -1.61 1.23 0.11
CA CYS A 20 -1.11 1.52 -1.24
C CYS A 20 -0.85 3.04 -1.11
N ILE A 21 0.34 3.41 -1.46
CA ILE A 21 0.87 4.80 -1.44
C ILE A 21 0.76 5.17 -2.90
N TYR A 22 0.97 6.42 -3.17
CA TYR A 22 0.88 6.90 -4.56
C TYR A 22 2.15 7.67 -4.88
N ALA A 23 2.36 7.91 -6.14
CA ALA A 23 3.57 8.66 -6.56
C ALA A 23 3.01 9.95 -7.13
N TRP A 24 3.86 10.85 -7.55
CA TRP A 24 3.39 12.15 -8.13
C TRP A 24 2.17 11.95 -9.07
N TYR A 25 2.14 10.80 -9.69
CA TYR A 25 1.05 10.42 -10.63
C TYR A 25 -0.36 10.51 -10.04
N ASN A 26 -1.32 10.26 -10.90
CA ASN A 26 -2.74 10.31 -10.49
C ASN A 26 -3.53 9.11 -11.05
N GLN A 27 -3.00 7.92 -10.88
CA GLN A 27 -3.70 6.70 -11.40
C GLN A 27 -3.59 5.53 -10.43
N GLN A 28 -2.44 4.91 -10.40
CA GLN A 28 -2.23 3.75 -9.48
C GLN A 28 -1.31 4.18 -8.35
N GLY A 29 -0.98 3.23 -7.51
CA GLY A 29 -0.10 3.53 -6.34
C GLY A 29 0.71 2.30 -6.00
N SER A 30 1.59 2.33 -5.03
CA SER A 30 2.39 1.11 -4.71
C SER A 30 2.23 0.76 -3.26
N CYS A 31 2.30 -0.49 -2.92
CA CYS A 31 2.13 -0.87 -1.48
C CYS A 31 3.39 -0.56 -0.71
N GLN A 32 3.25 0.25 0.33
CA GLN A 32 4.47 0.58 1.12
C GLN A 32 4.02 0.54 2.55
N THR A 33 4.97 0.26 3.38
CA THR A 33 4.65 0.17 4.81
C THR A 33 4.53 1.52 5.48
N THR A 34 3.65 2.33 4.96
CA THR A 34 3.52 3.63 5.61
C THR A 34 2.16 4.22 5.51
N ILE A 35 2.00 5.23 6.32
CA ILE A 35 0.76 6.04 6.51
C ILE A 35 -0.22 5.13 7.27
N THR A 36 -0.35 3.93 6.81
CA THR A 36 -1.25 2.94 7.48
C THR A 36 -0.50 1.61 7.33
N GLY A 37 0.80 1.70 7.43
CA GLY A 37 1.64 0.47 7.31
C GLY A 37 2.36 0.16 8.61
N LEU A 38 1.75 0.64 9.66
CA LEU A 38 2.35 0.40 11.01
C LEU A 38 1.24 0.41 12.03
N PHE A 39 0.65 1.54 12.26
CA PHE A 39 -0.46 1.63 13.27
C PHE A 39 -1.74 1.38 12.47
N LYS A 40 -1.62 0.30 11.75
CA LYS A 40 -2.67 -0.23 10.84
C LYS A 40 -3.68 -1.00 11.68
N LYS A 41 -3.11 -1.83 12.52
CA LYS A 41 -3.85 -2.72 13.47
C LYS A 41 -4.13 -4.02 12.71
N CYS A 42 -3.10 -4.71 12.34
CA CYS A 42 -3.26 -6.00 11.61
C CYS A 42 -2.27 -6.87 12.36
N CYS A 1 -3.11 -9.79 0.86
CA CYS A 1 -1.68 -9.99 1.19
C CYS A 1 -0.82 -10.04 -0.07
N ALA A 2 -0.26 -8.91 -0.38
CA ALA A 2 0.62 -8.75 -1.57
C ALA A 2 1.85 -8.08 -0.96
N LYS A 3 2.89 -7.93 -1.72
CA LYS A 3 4.12 -7.30 -1.19
C LYS A 3 4.71 -6.22 -2.09
N LYS A 4 5.22 -5.21 -1.43
CA LYS A 4 5.84 -4.05 -2.12
C LYS A 4 6.67 -4.53 -3.34
N ARG A 5 6.37 -4.03 -4.52
CA ARG A 5 7.04 -4.36 -5.84
C ARG A 5 5.88 -4.44 -6.84
N ASN A 6 4.85 -5.11 -6.39
CA ASN A 6 3.61 -5.32 -7.20
C ASN A 6 2.71 -4.46 -6.34
N TRP A 7 1.80 -3.76 -6.93
CA TRP A 7 0.93 -2.92 -6.09
C TRP A 7 -0.44 -3.52 -5.90
N CYS A 8 -1.17 -2.76 -5.14
CA CYS A 8 -2.59 -3.04 -4.75
C CYS A 8 -3.53 -1.96 -5.27
N GLY A 9 -2.98 -0.89 -5.77
CA GLY A 9 -3.82 0.22 -6.30
C GLY A 9 -4.35 1.03 -5.09
N LYS A 10 -5.30 0.48 -4.35
CA LYS A 10 -5.84 1.23 -3.16
C LYS A 10 -5.62 0.55 -1.83
N ASN A 11 -4.67 -0.35 -1.87
CA ASN A 11 -4.25 -1.16 -0.69
C ASN A 11 -4.85 -2.57 -0.71
N GLU A 12 -6.10 -2.57 -1.10
CA GLU A 12 -6.96 -3.81 -1.20
C GLU A 12 -6.45 -5.22 -0.78
N ASP A 13 -5.57 -5.75 -1.56
CA ASP A 13 -4.96 -7.10 -1.35
C ASP A 13 -3.56 -7.11 -0.74
N CYS A 14 -3.19 -6.08 -0.04
CA CYS A 14 -1.82 -6.10 0.53
C CYS A 14 -1.71 -6.94 1.80
N CYS A 15 -0.47 -7.14 2.17
CA CYS A 15 -0.10 -7.92 3.38
C CYS A 15 0.45 -6.91 4.38
N CYS A 16 -0.46 -6.43 5.19
CA CYS A 16 -0.12 -5.43 6.25
C CYS A 16 1.21 -5.69 6.98
N PRO A 17 1.81 -4.63 7.48
CA PRO A 17 1.31 -3.24 7.51
C PRO A 17 1.82 -2.51 6.29
N MET A 18 0.93 -2.30 5.38
CA MET A 18 1.29 -1.61 4.14
C MET A 18 0.05 -1.08 3.49
N LYS A 19 0.20 0.09 2.95
CA LYS A 19 -0.98 0.74 2.27
C LYS A 19 -0.51 1.00 0.85
N CYS A 20 -1.38 1.06 -0.14
CA CYS A 20 -0.81 1.34 -1.48
C CYS A 20 -0.47 2.84 -1.51
N ILE A 21 0.67 3.10 -2.10
CA ILE A 21 1.23 4.48 -2.26
C ILE A 21 0.99 4.91 -3.69
N TYR A 22 1.21 6.16 -3.95
CA TYR A 22 0.99 6.72 -5.32
C TYR A 22 2.27 7.41 -5.81
N ALA A 23 2.63 8.46 -5.09
CA ALA A 23 3.81 9.36 -5.28
C ALA A 23 3.19 10.76 -5.29
N TRP A 24 3.41 11.53 -6.32
CA TRP A 24 2.85 12.91 -6.40
C TRP A 24 1.71 12.85 -7.44
N TYR A 25 1.91 12.03 -8.45
CA TYR A 25 0.89 11.88 -9.53
C TYR A 25 -0.24 11.02 -8.91
N ASN A 26 -1.35 10.89 -9.57
CA ASN A 26 -2.45 10.06 -8.97
C ASN A 26 -3.17 9.15 -9.97
N GLN A 27 -2.64 7.96 -10.11
CA GLN A 27 -3.24 6.95 -11.04
C GLN A 27 -3.26 5.55 -10.40
N GLN A 28 -2.09 5.04 -10.16
CA GLN A 28 -1.97 3.69 -9.53
C GLN A 28 -1.37 3.70 -8.15
N GLY A 29 -1.40 2.53 -7.56
CA GLY A 29 -0.88 2.35 -6.17
C GLY A 29 0.49 1.68 -6.03
N SER A 30 0.73 1.12 -4.87
CA SER A 30 2.02 0.40 -4.54
C SER A 30 2.18 0.11 -3.05
N CYS A 31 1.98 -1.14 -2.71
CA CYS A 31 2.10 -1.63 -1.31
C CYS A 31 3.33 -1.05 -0.62
N GLN A 32 3.23 0.00 0.17
CA GLN A 32 4.46 0.51 0.83
C GLN A 32 4.09 0.57 2.29
N THR A 33 5.11 0.42 3.07
CA THR A 33 4.86 0.43 4.51
C THR A 33 4.65 1.79 5.14
N THR A 34 3.73 2.53 4.60
CA THR A 34 3.50 3.85 5.21
C THR A 34 2.09 4.29 5.06
N ILE A 35 1.83 5.38 5.73
CA ILE A 35 0.52 6.08 5.82
C ILE A 35 -0.43 5.17 6.62
N THR A 36 -0.46 3.90 6.33
CA THR A 36 -1.33 2.92 7.06
C THR A 36 -0.47 1.64 7.15
N GLY A 37 0.82 1.84 7.11
CA GLY A 37 1.79 0.71 7.17
C GLY A 37 2.61 0.72 8.43
N LEU A 38 1.98 1.24 9.45
CA LEU A 38 2.65 1.32 10.78
C LEU A 38 1.56 1.21 11.83
N PHE A 39 0.75 2.22 11.93
CA PHE A 39 -0.36 2.23 12.94
C PHE A 39 -1.60 1.75 12.18
N LYS A 40 -1.41 0.59 11.64
CA LYS A 40 -2.47 -0.07 10.85
C LYS A 40 -3.51 -0.72 11.77
N LYS A 41 -4.61 -1.12 11.18
CA LYS A 41 -5.70 -1.79 11.96
C LYS A 41 -5.72 -3.26 11.52
N CYS A 42 -4.53 -3.69 11.20
CA CYS A 42 -4.20 -5.07 10.74
C CYS A 42 -2.91 -5.28 11.56
N CYS A 1 -2.50 -10.01 -0.23
CA CYS A 1 -1.16 -10.06 0.43
C CYS A 1 0.02 -9.91 -0.56
N ALA A 2 0.47 -8.70 -0.81
CA ALA A 2 1.61 -8.50 -1.76
C ALA A 2 2.80 -8.04 -0.91
N LYS A 3 3.99 -8.16 -1.46
CA LYS A 3 5.25 -7.77 -0.72
C LYS A 3 5.94 -6.57 -1.40
N LYS A 4 5.23 -5.48 -1.52
CA LYS A 4 5.80 -4.24 -2.18
C LYS A 4 6.15 -4.70 -3.63
N ARG A 5 6.78 -3.84 -4.39
CA ARG A 5 7.23 -4.09 -5.82
C ARG A 5 6.05 -4.13 -6.77
N ASN A 6 5.08 -4.93 -6.43
CA ASN A 6 3.83 -5.08 -7.24
C ASN A 6 2.94 -4.21 -6.38
N TRP A 7 2.01 -3.52 -6.99
CA TRP A 7 1.16 -2.68 -6.12
C TRP A 7 -0.21 -3.30 -5.96
N CYS A 8 -0.97 -2.58 -5.21
CA CYS A 8 -2.37 -2.92 -4.86
C CYS A 8 -3.35 -1.93 -5.50
N GLY A 9 -2.85 -0.82 -5.97
CA GLY A 9 -3.76 0.19 -6.60
C GLY A 9 -4.28 1.05 -5.44
N LYS A 10 -4.93 0.36 -4.54
CA LYS A 10 -5.53 0.95 -3.31
C LYS A 10 -5.15 0.06 -2.14
N ASN A 11 -5.35 0.54 -0.94
CA ASN A 11 -4.99 -0.27 0.27
C ASN A 11 -6.07 -1.37 0.52
N GLU A 12 -6.41 -2.12 -0.51
CA GLU A 12 -7.44 -3.21 -0.37
C GLU A 12 -6.77 -4.60 -0.36
N ASP A 13 -5.84 -4.91 -1.26
CA ASP A 13 -5.19 -6.27 -1.22
C ASP A 13 -3.64 -6.21 -1.12
N CYS A 14 -3.16 -6.18 0.09
CA CYS A 14 -1.69 -6.13 0.37
C CYS A 14 -1.44 -7.07 1.54
N CYS A 15 -0.20 -7.28 1.86
CA CYS A 15 0.16 -8.18 2.99
C CYS A 15 0.63 -7.27 4.13
N CYS A 16 -0.35 -6.83 4.86
CA CYS A 16 -0.11 -5.92 6.03
C CYS A 16 1.12 -6.23 6.91
N PRO A 17 1.60 -5.19 7.55
CA PRO A 17 0.99 -3.82 7.62
C PRO A 17 1.43 -3.04 6.40
N MET A 18 0.49 -2.61 5.60
CA MET A 18 0.86 -1.85 4.37
C MET A 18 -0.32 -1.04 3.87
N LYS A 19 0.00 -0.06 3.08
CA LYS A 19 -1.05 0.80 2.48
C LYS A 19 -0.65 0.89 1.00
N CYS A 20 -1.49 1.31 0.09
CA CYS A 20 -0.99 1.37 -1.30
C CYS A 20 -0.51 2.82 -1.42
N ILE A 21 0.61 3.06 -2.06
CA ILE A 21 1.12 4.45 -2.20
C ILE A 21 1.05 5.10 -3.55
N TYR A 22 1.10 6.39 -3.40
CA TYR A 22 1.02 7.33 -4.53
C TYR A 22 2.26 8.20 -4.76
N ALA A 23 2.37 8.67 -5.98
CA ALA A 23 3.51 9.54 -6.39
C ALA A 23 2.83 10.72 -7.09
N TRP A 24 3.61 11.62 -7.63
CA TRP A 24 3.02 12.81 -8.35
C TRP A 24 1.87 12.34 -9.27
N TYR A 25 2.02 11.13 -9.73
CA TYR A 25 1.04 10.46 -10.63
C TYR A 25 -0.38 10.54 -10.03
N ASN A 26 -1.37 10.39 -10.86
CA ASN A 26 -2.77 10.45 -10.35
C ASN A 26 -3.58 9.21 -10.72
N GLN A 27 -3.27 8.11 -10.06
CA GLN A 27 -3.92 6.77 -10.25
C GLN A 27 -2.89 5.69 -9.90
N GLN A 28 -3.41 4.56 -9.48
CA GLN A 28 -2.61 3.36 -9.08
C GLN A 28 -2.00 3.62 -7.71
N GLY A 29 -1.59 2.56 -7.05
CA GLY A 29 -0.99 2.65 -5.68
C GLY A 29 0.32 1.85 -5.60
N SER A 30 0.65 1.37 -4.42
CA SER A 30 1.89 0.57 -4.19
C SER A 30 2.03 0.12 -2.74
N CYS A 31 2.01 -1.17 -2.52
CA CYS A 31 2.14 -1.72 -1.15
C CYS A 31 3.32 -1.10 -0.38
N GLN A 32 3.12 -0.07 0.40
CA GLN A 32 4.29 0.49 1.11
C GLN A 32 3.91 0.49 2.56
N THR A 33 4.88 0.18 3.37
CA THR A 33 4.65 0.12 4.82
C THR A 33 4.71 1.47 5.50
N THR A 34 3.96 2.40 5.00
CA THR A 34 4.04 3.69 5.71
C THR A 34 2.79 4.49 5.54
N ILE A 35 2.83 5.64 6.17
CA ILE A 35 1.76 6.68 6.24
C ILE A 35 0.70 6.09 7.17
N THR A 36 0.31 4.88 6.90
CA THR A 36 -0.71 4.18 7.72
C THR A 36 -0.38 2.69 7.54
N GLY A 37 0.90 2.41 7.46
CA GLY A 37 1.37 1.00 7.27
C GLY A 37 2.17 0.49 8.44
N LEU A 38 1.81 1.02 9.57
CA LEU A 38 2.50 0.63 10.83
C LEU A 38 1.47 0.64 11.97
N PHE A 39 1.01 1.82 12.29
CA PHE A 39 -0.01 1.99 13.38
C PHE A 39 -1.38 1.77 12.73
N LYS A 40 -1.50 0.57 12.23
CA LYS A 40 -2.75 0.13 11.54
C LYS A 40 -3.29 -1.17 12.18
N LYS A 41 -4.42 -1.55 11.65
CA LYS A 41 -5.19 -2.77 12.03
C LYS A 41 -5.54 -3.35 10.64
N CYS A 42 -5.40 -4.63 10.51
CA CYS A 42 -5.72 -5.32 9.23
C CYS A 42 -6.52 -6.51 9.80
N CYS A 1 -2.12 -10.07 0.25
CA CYS A 1 -0.70 -10.10 0.68
C CYS A 1 0.28 -9.85 -0.47
N ALA A 2 0.74 -8.64 -0.56
CA ALA A 2 1.71 -8.28 -1.64
C ALA A 2 3.06 -8.03 -0.93
N LYS A 3 4.11 -7.83 -1.69
CA LYS A 3 5.45 -7.59 -1.06
C LYS A 3 6.05 -6.41 -1.82
N LYS A 4 5.39 -5.28 -1.66
CA LYS A 4 5.77 -3.99 -2.31
C LYS A 4 6.55 -4.28 -3.64
N ARG A 5 5.83 -4.73 -4.64
CA ARG A 5 6.47 -5.06 -5.98
C ARG A 5 5.42 -4.86 -7.07
N ASN A 6 4.29 -5.35 -6.67
CA ASN A 6 2.98 -5.38 -7.38
C ASN A 6 2.21 -4.55 -6.39
N TRP A 7 1.09 -4.05 -6.81
CA TRP A 7 0.31 -3.24 -5.88
C TRP A 7 -1.12 -3.69 -5.68
N CYS A 8 -1.69 -2.90 -4.82
CA CYS A 8 -3.09 -3.08 -4.39
C CYS A 8 -4.05 -2.17 -5.11
N GLY A 9 -3.51 -1.08 -5.60
CA GLY A 9 -4.35 -0.10 -6.33
C GLY A 9 -4.79 0.82 -5.18
N LYS A 10 -5.46 0.22 -4.22
CA LYS A 10 -5.96 0.98 -3.02
C LYS A 10 -5.74 0.28 -1.67
N ASN A 11 -4.74 -0.53 -1.61
CA ASN A 11 -4.33 -1.31 -0.39
C ASN A 11 -4.83 -2.77 -0.49
N GLU A 12 -6.02 -2.83 -1.04
CA GLU A 12 -6.77 -4.11 -1.28
C GLU A 12 -6.10 -5.49 -1.06
N ASP A 13 -5.02 -5.79 -1.72
CA ASP A 13 -4.38 -7.15 -1.54
C ASP A 13 -2.99 -7.16 -0.88
N CYS A 14 -2.68 -6.19 -0.06
CA CYS A 14 -1.31 -6.23 0.53
C CYS A 14 -1.15 -7.19 1.69
N CYS A 15 0.09 -7.29 2.10
CA CYS A 15 0.53 -8.15 3.22
C CYS A 15 0.92 -7.20 4.34
N CYS A 16 -0.08 -6.93 5.13
CA CYS A 16 0.02 -6.03 6.30
C CYS A 16 1.33 -6.20 7.10
N PRO A 17 1.88 -5.08 7.54
CA PRO A 17 1.24 -3.74 7.47
C PRO A 17 1.49 -3.22 6.05
N MET A 18 0.49 -2.56 5.55
CA MET A 18 0.47 -1.95 4.19
C MET A 18 -0.66 -0.94 4.08
N LYS A 19 -0.49 -0.12 3.10
CA LYS A 19 -1.44 0.95 2.75
C LYS A 19 -1.03 1.10 1.28
N CYS A 20 -1.94 1.34 0.38
CA CYS A 20 -1.44 1.49 -1.01
C CYS A 20 -0.93 2.93 -0.96
N ILE A 21 0.28 3.18 -1.35
CA ILE A 21 0.85 4.57 -1.32
C ILE A 21 0.74 5.11 -2.74
N TYR A 22 0.97 6.39 -2.86
CA TYR A 22 0.89 7.07 -4.16
C TYR A 22 2.16 7.92 -4.28
N ALA A 23 2.52 8.31 -5.46
CA ALA A 23 3.74 9.14 -5.66
C ALA A 23 3.20 10.46 -6.19
N TRP A 24 4.03 11.31 -6.72
CA TRP A 24 3.50 12.61 -7.25
C TRP A 24 2.34 12.31 -8.21
N TYR A 25 2.51 11.21 -8.93
CA TYR A 25 1.49 10.76 -9.91
C TYR A 25 0.05 10.79 -9.37
N ASN A 26 -0.88 10.83 -10.28
CA ASN A 26 -2.31 10.87 -9.85
C ASN A 26 -3.10 9.63 -10.30
N GLN A 27 -2.49 8.47 -10.16
CA GLN A 27 -3.18 7.21 -10.56
C GLN A 27 -2.39 6.03 -10.01
N GLN A 28 -3.12 4.96 -9.76
CA GLN A 28 -2.58 3.68 -9.21
C GLN A 28 -1.95 3.91 -7.84
N GLY A 29 -1.83 2.86 -7.08
CA GLY A 29 -1.22 2.98 -5.70
C GLY A 29 -0.27 1.81 -5.53
N SER A 30 0.51 1.78 -4.48
CA SER A 30 1.46 0.63 -4.28
C SER A 30 1.44 0.05 -2.87
N CYS A 31 1.57 -1.25 -2.75
CA CYS A 31 1.57 -1.85 -1.38
C CYS A 31 2.85 -1.34 -0.71
N GLN A 32 2.74 -0.24 -0.01
CA GLN A 32 3.94 0.34 0.66
C GLN A 32 3.46 0.71 2.05
N THR A 33 3.94 -0.01 3.02
CA THR A 33 3.50 0.32 4.38
C THR A 33 4.21 1.51 5.04
N THR A 34 3.96 2.64 4.46
CA THR A 34 4.55 3.91 4.98
C THR A 34 3.54 5.01 5.01
N ILE A 35 3.96 6.11 5.54
CA ILE A 35 3.18 7.38 5.73
C ILE A 35 2.31 7.07 6.95
N THR A 36 1.57 5.99 6.84
CA THR A 36 0.67 5.54 7.92
C THR A 36 0.64 4.00 7.90
N GLY A 37 1.73 3.42 7.46
CA GLY A 37 1.79 1.92 7.40
C GLY A 37 2.31 1.36 8.71
N LEU A 38 1.65 1.89 9.69
CA LEU A 38 1.88 1.59 11.13
C LEU A 38 0.52 1.66 11.78
N PHE A 39 -0.18 2.72 11.49
CA PHE A 39 -1.53 2.93 12.06
C PHE A 39 -2.52 2.12 11.22
N LYS A 40 -2.30 0.83 11.22
CA LYS A 40 -3.18 -0.10 10.46
C LYS A 40 -3.41 -1.33 11.33
N LYS A 41 -4.53 -1.95 11.09
CA LYS A 41 -4.95 -3.18 11.83
C LYS A 41 -5.29 -4.09 10.64
N CYS A 42 -5.01 -5.35 10.76
CA CYS A 42 -5.31 -6.29 9.64
C CYS A 42 -6.11 -7.42 10.31
#